data_5M0I
#
_entry.id   5M0I
#
_cell.length_a   220.520
_cell.length_b   58.340
_cell.length_c   146.010
_cell.angle_alpha   90.00
_cell.angle_beta   126.98
_cell.angle_gamma   90.00
#
_symmetry.space_group_name_H-M   'C 1 2 1'
#
loop_
_entity.id
_entity.type
_entity.pdbx_description
1 polymer 'SWI5-dependent HO expression protein 2'
2 polymer 'ASH1-E3 element, RNA (28-MER)'
3 polymer 'SWI5-dependent HO expression protein 3'
4 non-polymer 1,2-ETHANEDIOL
5 non-polymer 'MAGNESIUM ION'
6 non-polymer 'ACETATE ION'
7 water water
#
loop_
_entity_poly.entity_id
_entity_poly.type
_entity_poly.pdbx_seq_one_letter_code
_entity_poly.pdbx_strand_id
1 'polypeptide(L)'
;GPLGSDIKVTPGTSELVEQILALLSRYLSSYIHVLNKFISHLRRVATLRFERTTLIKFVKKLRFYNDSVLSYNASEFINE
GKNELDPEADSFDKVILPIASMFVKSVETFDLLNYYLTQSLQKEILSKTLNEDLTLTAESILAIDDTYNHFVKFSQWMIE
SLRIGSNLLDLEVVQFAIKSADEDGTNIGETDNIFLQEILPVNSEEEFQTLSAAWHSILDGKLSALDEEFDVVATKWHDK
FGKLKN
;
D,C,B,A
2 'polyribonucleotide' GAUAACUGAAUCGAAAGACAUUAUCACG E,F
3 'polypeptide(L)' KTNVTHNNDPSTSPTISVPPGVTR H,J,I
#
loop_
_chem_comp.id
_chem_comp.type
_chem_comp.name
_chem_comp.formula
A RNA linking ADENOSINE-5'-MONOPHOSPHATE 'C10 H14 N5 O7 P'
ACT non-polymer 'ACETATE ION' 'C2 H3 O2 -1'
C RNA linking CYTIDINE-5'-MONOPHOSPHATE 'C9 H14 N3 O8 P'
EDO non-polymer 1,2-ETHANEDIOL 'C2 H6 O2'
G RNA linking GUANOSINE-5'-MONOPHOSPHATE 'C10 H14 N5 O8 P'
MG non-polymer 'MAGNESIUM ION' 'Mg 2'
U RNA linking URIDINE-5'-MONOPHOSPHATE 'C9 H13 N2 O9 P'
#
# COMPACT_ATOMS: atom_id res chain seq x y z
N LEU A 3 19.84 25.71 -42.29
CA LEU A 3 19.72 27.03 -41.58
C LEU A 3 18.38 27.80 -41.69
N GLY A 4 17.55 27.62 -42.74
CA GLY A 4 16.12 28.08 -42.71
C GLY A 4 15.24 28.49 -43.91
N SER A 5 14.91 29.77 -43.96
CA SER A 5 14.10 30.32 -45.02
C SER A 5 14.68 31.74 -45.17
N ASP A 6 14.38 32.47 -46.25
CA ASP A 6 14.79 33.93 -46.39
C ASP A 6 13.62 34.83 -45.85
N ILE A 7 12.63 34.12 -45.31
CA ILE A 7 11.26 34.52 -45.21
C ILE A 7 11.06 35.50 -44.05
N LYS A 8 10.37 36.60 -44.31
CA LYS A 8 10.15 37.61 -43.30
C LYS A 8 8.76 37.50 -42.77
N VAL A 9 8.61 38.06 -41.58
CA VAL A 9 7.30 38.21 -40.96
C VAL A 9 6.40 39.18 -41.74
N THR A 10 5.09 39.03 -41.62
CA THR A 10 4.08 39.91 -42.25
C THR A 10 3.19 40.42 -41.12
N PRO A 11 2.22 41.31 -41.40
CA PRO A 11 1.30 41.70 -40.33
C PRO A 11 0.44 40.54 -39.75
N GLY A 12 0.14 39.53 -40.57
CA GLY A 12 -0.67 38.38 -40.14
C GLY A 12 0.04 37.28 -39.32
N THR A 13 1.33 37.47 -39.04
CA THR A 13 2.18 36.50 -38.37
C THR A 13 1.80 36.34 -36.91
N SER A 14 1.66 37.47 -36.22
CA SER A 14 1.23 37.52 -34.80
C SER A 14 0.00 36.63 -34.54
N GLU A 15 -0.99 36.74 -35.41
CA GLU A 15 -2.24 36.00 -35.25
C GLU A 15 -2.06 34.52 -35.53
N LEU A 16 -1.27 34.18 -36.53
CA LEU A 16 -0.93 32.79 -36.86
C LEU A 16 -0.31 32.09 -35.64
N VAL A 17 0.63 32.77 -34.99
CA VAL A 17 1.28 32.26 -33.80
C VAL A 17 0.29 32.03 -32.66
N GLU A 18 -0.61 32.99 -32.43
CA GLU A 18 -1.61 32.85 -31.39
C GLU A 18 -2.49 31.64 -31.68
N GLN A 19 -2.83 31.43 -32.92
CA GLN A 19 -3.65 30.28 -33.26
C GLN A 19 -2.94 28.95 -32.98
N ILE A 20 -1.64 28.87 -33.29
CA ILE A 20 -0.85 27.69 -33.01
C ILE A 20 -0.78 27.43 -31.47
N LEU A 21 -0.41 28.46 -30.72
CA LEU A 21 -0.39 28.40 -29.30
C LEU A 21 -1.72 28.00 -28.72
N ALA A 22 -2.81 28.42 -29.31
CA ALA A 22 -4.14 28.09 -28.75
C ALA A 22 -4.41 26.62 -28.87
N LEU A 23 -3.88 25.97 -29.93
CA LEU A 23 -4.03 24.53 -30.02
C LEU A 23 -3.39 23.87 -28.85
N LEU A 24 -2.21 24.33 -28.49
CA LEU A 24 -1.45 23.68 -27.46
C LEU A 24 -2.15 23.90 -26.12
N SER A 25 -2.73 25.09 -25.93
CA SER A 25 -3.45 25.38 -24.70
C SER A 25 -4.66 24.49 -24.59
N ARG A 26 -5.32 24.27 -25.69
CA ARG A 26 -6.46 23.38 -25.65
C ARG A 26 -6.10 21.91 -25.30
N TYR A 27 -4.94 21.44 -25.78
CA TYR A 27 -4.47 20.08 -25.53
C TYR A 27 -4.16 19.97 -24.07
N LEU A 28 -3.37 20.92 -23.62
CA LEU A 28 -3.02 20.94 -22.17
C LEU A 28 -4.27 21.00 -21.23
N SER A 29 -5.25 21.84 -21.59
CA SER A 29 -6.42 22.04 -20.72
C SER A 29 -7.28 20.80 -20.64
N SER A 30 -7.36 20.13 -21.75
CA SER A 30 -8.14 18.94 -21.90
C SER A 30 -7.68 17.84 -20.97
N TYR A 31 -6.37 17.67 -20.90
CA TYR A 31 -5.78 16.81 -19.88
C TYR A 31 -5.97 17.29 -18.41
N ILE A 32 -5.73 18.57 -18.17
CA ILE A 32 -5.86 19.11 -16.87
C ILE A 32 -7.26 18.87 -16.31
N HIS A 33 -8.29 19.06 -17.14
CA HIS A 33 -9.69 18.85 -16.67
C HIS A 33 -9.95 17.37 -16.31
N VAL A 34 -9.46 16.42 -17.13
CA VAL A 34 -9.76 14.98 -16.87
C VAL A 34 -8.93 14.51 -15.72
N LEU A 35 -7.70 15.00 -15.62
CA LEU A 35 -6.88 14.64 -14.46
C LEU A 35 -7.37 15.20 -13.11
N ASN A 36 -7.90 16.44 -13.09
CA ASN A 36 -8.49 16.96 -11.82
C ASN A 36 -9.53 15.99 -11.38
N LYS A 37 -10.35 15.53 -12.31
CA LYS A 37 -11.42 14.60 -11.94
C LYS A 37 -10.92 13.29 -11.39
N PHE A 38 -9.99 12.67 -12.09
CA PHE A 38 -9.41 11.42 -11.64
C PHE A 38 -8.73 11.52 -10.30
N ILE A 39 -7.90 12.52 -10.16
CA ILE A 39 -7.25 12.80 -8.93
C ILE A 39 -8.28 12.95 -7.78
N SER A 40 -9.42 13.55 -8.06
CA SER A 40 -10.46 13.62 -7.04
C SER A 40 -11.05 12.23 -6.68
N HIS A 41 -11.34 11.40 -7.68
CA HIS A 41 -11.85 10.02 -7.36
C HIS A 41 -10.81 9.20 -6.62
N LEU A 42 -9.54 9.38 -6.94
CA LEU A 42 -8.49 8.62 -6.26
C LEU A 42 -8.36 8.94 -4.78
N ARG A 43 -8.80 10.13 -4.34
CA ARG A 43 -8.77 10.44 -2.88
C ARG A 43 -9.39 9.32 -2.05
N ARG A 44 -10.33 8.65 -2.63
CA ARG A 44 -11.10 7.65 -1.90
C ARG A 44 -10.44 6.31 -1.83
N VAL A 45 -9.32 6.10 -2.55
CA VAL A 45 -8.75 4.84 -2.62
C VAL A 45 -7.42 4.84 -1.90
N ALA A 46 -7.38 4.20 -0.76
CA ALA A 46 -6.23 4.26 0.12
C ALA A 46 -4.94 3.73 -0.53
N THR A 47 -5.08 2.67 -1.31
CA THR A 47 -3.91 2.07 -1.96
C THR A 47 -3.30 2.86 -3.10
N LEU A 48 -4.01 3.84 -3.63
CA LEU A 48 -3.46 4.63 -4.73
C LEU A 48 -2.93 6.01 -4.38
N ARG A 49 -2.60 6.21 -3.12
CA ARG A 49 -2.17 7.49 -2.59
C ARG A 49 -0.91 8.08 -3.28
N PHE A 50 0.12 7.26 -3.41
CA PHE A 50 1.35 7.75 -4.03
C PHE A 50 1.24 7.91 -5.51
N GLU A 51 0.35 7.16 -6.14
CA GLU A 51 0.13 7.32 -7.57
C GLU A 51 -0.60 8.62 -7.81
N ARG A 52 -1.54 8.91 -6.92
CA ARG A 52 -2.26 10.16 -6.90
C ARG A 52 -1.31 11.30 -6.87
N THR A 53 -0.35 11.28 -5.96
CA THR A 53 0.61 12.37 -5.92
C THR A 53 1.42 12.52 -7.16
N THR A 54 1.79 11.40 -7.79
CA THR A 54 2.56 11.50 -9.01
C THR A 54 1.74 12.18 -10.08
N LEU A 55 0.47 11.85 -10.19
CA LEU A 55 -0.45 12.58 -11.12
C LEU A 55 -0.57 14.06 -10.83
N ILE A 56 -0.62 14.40 -9.52
CA ILE A 56 -0.67 15.79 -9.13
C ILE A 56 0.56 16.48 -9.69
N LYS A 57 1.71 15.91 -9.48
CA LYS A 57 2.94 16.50 -10.02
C LYS A 57 2.85 16.73 -11.54
N PHE A 58 2.30 15.78 -12.29
CA PHE A 58 2.14 16.00 -13.70
C PHE A 58 1.12 17.06 -13.99
N VAL A 59 -0.06 17.05 -13.29
CA VAL A 59 -1.05 18.05 -13.62
C VAL A 59 -0.52 19.46 -13.38
N LYS A 60 0.29 19.63 -12.38
CA LYS A 60 0.92 20.91 -12.14
C LYS A 60 1.83 21.38 -13.25
N LYS A 61 2.61 20.46 -13.80
CA LYS A 61 3.52 20.83 -14.91
C LYS A 61 2.67 21.27 -16.08
N LEU A 62 1.61 20.54 -16.35
CA LEU A 62 0.75 20.94 -17.49
C LEU A 62 0.11 22.32 -17.27
N ARG A 63 -0.37 22.53 -16.07
CA ARG A 63 -1.09 23.75 -15.72
C ARG A 63 -0.11 24.90 -15.80
N PHE A 64 1.14 24.67 -15.38
CA PHE A 64 2.19 25.69 -15.62
C PHE A 64 2.47 25.96 -17.09
N TYR A 65 2.57 24.89 -17.94
CA TYR A 65 2.84 25.14 -19.35
C TYR A 65 1.66 25.90 -19.95
N ASN A 66 0.46 25.57 -19.50
CA ASN A 66 -0.77 26.19 -20.05
C ASN A 66 -0.86 27.65 -19.62
N ASP A 67 -0.59 27.97 -18.34
CA ASP A 67 -0.53 29.37 -17.90
C ASP A 67 0.55 30.14 -18.70
N SER A 68 1.71 29.55 -18.91
CA SER A 68 2.77 30.24 -19.65
C SER A 68 2.34 30.56 -21.09
N VAL A 69 1.75 29.58 -21.79
CA VAL A 69 1.25 29.80 -23.11
C VAL A 69 0.10 30.84 -23.15
N LEU A 70 -0.87 30.72 -22.28
CA LEU A 70 -1.96 31.70 -22.25
C LEU A 70 -1.50 33.13 -21.99
N SER A 71 -0.43 33.34 -21.23
CA SER A 71 -0.06 34.71 -20.86
C SER A 71 0.99 35.29 -21.80
N TYR A 72 1.51 34.47 -22.71
CA TYR A 72 2.48 34.90 -23.73
C TYR A 72 1.83 35.78 -24.77
N ASN A 73 2.34 36.98 -24.95
CA ASN A 73 1.77 37.88 -25.94
C ASN A 73 2.70 37.90 -27.13
N ALA A 74 2.25 37.29 -28.21
CA ALA A 74 3.14 36.95 -29.29
C ALA A 74 3.59 38.19 -30.01
N SER A 75 2.72 39.21 -30.08
CA SER A 75 3.08 40.47 -30.73
C SER A 75 4.26 41.15 -30.01
N GLU A 76 4.39 40.97 -28.70
CA GLU A 76 5.51 41.54 -27.95
C GLU A 76 6.86 41.07 -28.50
N PHE A 77 6.96 39.85 -29.00
CA PHE A 77 8.23 39.28 -29.39
C PHE A 77 8.48 39.32 -30.89
N ILE A 78 7.66 40.08 -31.61
CA ILE A 78 7.71 40.14 -33.07
C ILE A 78 7.97 41.56 -33.51
N ASN A 79 9.10 41.75 -34.18
CA ASN A 79 9.38 42.96 -34.94
C ASN A 79 9.13 42.76 -36.43
N GLU A 80 7.94 43.16 -36.86
CA GLU A 80 7.66 43.38 -38.29
C GLU A 80 8.42 44.71 -38.57
N GLY A 81 8.72 45.05 -39.83
CA GLY A 81 9.31 46.38 -40.09
C GLY A 81 8.20 47.34 -40.52
N LYS A 82 8.55 48.42 -41.22
CA LYS A 82 7.50 49.32 -41.72
C LYS A 82 7.02 48.64 -43.06
N ASN A 83 7.47 49.13 -44.20
CA ASN A 83 7.10 48.48 -45.46
C ASN A 83 8.11 47.38 -45.75
N GLU A 84 8.18 46.42 -44.84
CA GLU A 84 9.24 45.41 -44.85
C GLU A 84 10.68 46.02 -44.77
N LEU A 85 10.90 46.84 -43.74
CA LEU A 85 12.26 47.25 -43.34
C LEU A 85 13.03 46.02 -42.91
N ASP A 86 14.13 45.71 -43.60
CA ASP A 86 14.90 44.49 -43.30
C ASP A 86 15.97 44.59 -42.17
N PRO A 87 16.71 45.73 -42.07
CA PRO A 87 17.60 45.86 -40.89
C PRO A 87 16.90 46.16 -39.56
N GLU A 88 15.57 46.13 -39.56
CA GLU A 88 14.74 45.74 -38.42
C GLU A 88 13.87 44.41 -38.64
N ALA A 89 13.30 44.01 -39.81
CA ALA A 89 12.24 42.93 -39.78
C ALA A 89 12.76 41.58 -39.31
N ASP A 90 12.09 40.99 -38.33
CA ASP A 90 12.37 39.62 -37.90
C ASP A 90 12.15 38.64 -39.07
N SER A 91 13.04 37.66 -39.13
CA SER A 91 12.82 36.52 -39.99
C SER A 91 11.71 35.64 -39.37
N PHE A 92 10.92 35.00 -40.22
CA PHE A 92 9.90 34.05 -39.79
C PHE A 92 10.49 32.92 -38.88
N ASP A 93 11.62 32.33 -39.26
CA ASP A 93 12.33 31.36 -38.41
C ASP A 93 12.57 31.82 -36.97
N LYS A 94 13.04 33.06 -36.80
CA LYS A 94 13.30 33.58 -35.47
C LYS A 94 12.03 33.53 -34.61
N VAL A 95 10.89 33.78 -35.25
CA VAL A 95 9.60 33.83 -34.58
C VAL A 95 8.98 32.44 -34.28
N ILE A 96 9.12 31.49 -35.20
CA ILE A 96 8.56 30.16 -35.03
C ILE A 96 9.37 29.31 -34.06
N LEU A 97 10.66 29.53 -34.03
CA LEU A 97 11.55 28.71 -33.26
C LEU A 97 11.12 28.50 -31.80
N PRO A 98 10.83 29.60 -31.05
CA PRO A 98 10.42 29.44 -29.64
C PRO A 98 9.07 28.74 -29.49
N ILE A 99 8.20 28.91 -30.47
CA ILE A 99 6.92 28.22 -30.49
C ILE A 99 7.16 26.72 -30.71
N ALA A 100 7.95 26.37 -31.73
CA ALA A 100 8.30 24.98 -31.99
C ALA A 100 8.98 24.32 -30.79
N SER A 101 9.81 25.09 -30.14
CA SER A 101 10.54 24.58 -29.02
C SER A 101 9.56 24.25 -27.84
N MET A 102 8.60 25.12 -27.63
CA MET A 102 7.56 24.91 -26.63
C MET A 102 6.72 23.65 -26.95
N PHE A 103 6.43 23.47 -28.23
CA PHE A 103 5.69 22.28 -28.69
C PHE A 103 6.47 21.02 -28.39
N VAL A 104 7.77 21.07 -28.68
CA VAL A 104 8.63 19.94 -28.42
C VAL A 104 8.69 19.59 -26.95
N LYS A 105 8.85 20.60 -26.09
CA LYS A 105 8.92 20.36 -24.66
C LYS A 105 7.60 19.71 -24.20
N SER A 106 6.49 20.22 -24.72
CA SER A 106 5.17 19.80 -24.28
C SER A 106 4.89 18.37 -24.70
N VAL A 107 5.25 18.10 -25.95
CA VAL A 107 5.14 16.73 -26.53
C VAL A 107 5.93 15.67 -25.79
N GLU A 108 7.17 15.99 -25.43
CA GLU A 108 7.95 15.08 -24.63
C GLU A 108 7.32 14.83 -23.24
N THR A 109 6.70 15.88 -22.65
CA THR A 109 6.07 15.76 -21.34
C THR A 109 4.88 14.84 -21.47
N PHE A 110 4.10 15.06 -22.53
CA PHE A 110 2.94 14.20 -22.80
C PHE A 110 3.35 12.77 -23.06
N ASP A 111 4.47 12.56 -23.78
CA ASP A 111 4.97 11.19 -23.96
C ASP A 111 5.18 10.51 -22.57
N LEU A 112 5.84 11.20 -21.62
CA LEU A 112 6.08 10.57 -20.32
C LEU A 112 4.78 10.36 -19.56
N LEU A 113 3.88 11.35 -19.56
CA LEU A 113 2.63 11.25 -18.86
C LEU A 113 1.73 10.20 -19.47
N ASN A 114 1.63 10.20 -20.79
CA ASN A 114 0.85 9.13 -21.49
C ASN A 114 1.27 7.72 -21.18
N TYR A 115 2.58 7.51 -21.06
CA TYR A 115 3.04 6.18 -20.65
C TYR A 115 2.54 5.80 -19.23
N TYR A 116 2.76 6.73 -18.35
CA TYR A 116 2.38 6.51 -16.94
C TYR A 116 0.90 6.30 -16.77
N LEU A 117 0.15 7.14 -17.40
CA LEU A 117 -1.30 7.12 -17.27
C LEU A 117 -1.98 5.96 -17.94
N THR A 118 -1.59 5.66 -19.21
CA THR A 118 -2.26 4.62 -19.98
C THR A 118 -1.70 3.25 -19.85
N GLN A 119 -0.48 3.08 -19.35
CA GLN A 119 0.13 1.76 -19.26
C GLN A 119 0.42 1.38 -17.85
N SER A 120 1.49 1.87 -17.24
CA SER A 120 1.88 1.35 -15.97
C SER A 120 0.83 1.63 -14.86
N LEU A 121 0.19 2.78 -14.88
CA LEU A 121 -0.80 3.06 -13.87
C LEU A 121 -2.03 2.18 -14.08
N GLN A 122 -2.40 1.95 -15.33
CA GLN A 122 -3.55 1.06 -15.62
C GLN A 122 -3.28 -0.31 -15.09
N LYS A 123 -2.04 -0.76 -15.19
CA LYS A 123 -1.74 -2.05 -14.67
C LYS A 123 -1.66 -2.08 -13.15
N GLU A 124 -1.03 -1.04 -12.60
CA GLU A 124 -0.93 -0.90 -11.19
C GLU A 124 -2.33 -0.91 -10.55
N ILE A 125 -3.27 -0.22 -11.21
CA ILE A 125 -4.62 -0.08 -10.66
C ILE A 125 -5.28 -1.46 -10.57
N LEU A 126 -5.14 -2.23 -11.65
CA LEU A 126 -5.69 -3.63 -11.68
C LEU A 126 -5.01 -4.56 -10.74
N SER A 127 -3.71 -4.45 -10.61
CA SER A 127 -3.00 -5.26 -9.63
C SER A 127 -3.41 -4.90 -8.13
N LYS A 128 -3.59 -3.61 -7.86
CA LYS A 128 -3.93 -3.21 -6.54
C LYS A 128 -5.38 -3.50 -6.14
N THR A 129 -6.34 -3.26 -7.03
CA THR A 129 -7.74 -3.20 -6.69
C THR A 129 -8.64 -4.24 -7.40
N LEU A 130 -8.16 -4.80 -8.51
CA LEU A 130 -8.98 -5.45 -9.53
C LEU A 130 -10.19 -4.69 -10.02
N ASN A 131 -10.10 -3.39 -10.00
CA ASN A 131 -11.27 -2.58 -10.15
C ASN A 131 -11.28 -1.84 -11.42
N GLU A 132 -12.12 -2.28 -12.35
CA GLU A 132 -12.03 -1.78 -13.69
C GLU A 132 -12.81 -0.52 -13.81
N ASP A 133 -13.62 -0.18 -12.79
CA ASP A 133 -14.29 1.11 -12.79
C ASP A 133 -13.25 2.23 -12.67
N LEU A 134 -12.12 1.93 -12.04
CA LEU A 134 -11.04 2.90 -11.92
C LEU A 134 -10.17 3.13 -13.17
N THR A 135 -10.27 2.27 -14.20
CA THR A 135 -9.34 2.32 -15.34
C THR A 135 -9.88 3.27 -16.40
N LEU A 136 -9.06 3.59 -17.39
CA LEU A 136 -9.53 4.31 -18.58
C LEU A 136 -10.32 3.38 -19.48
N THR A 137 -11.14 3.95 -20.37
CA THR A 137 -11.72 3.18 -21.47
C THR A 137 -10.64 2.99 -22.57
N ALA A 138 -10.75 1.88 -23.28
CA ALA A 138 -9.94 1.63 -24.44
C ALA A 138 -9.98 2.77 -25.42
N GLU A 139 -11.14 3.37 -25.60
CA GLU A 139 -11.30 4.42 -26.62
C GLU A 139 -10.54 5.69 -26.24
N SER A 140 -10.53 6.04 -24.95
CA SER A 140 -9.77 7.17 -24.48
C SER A 140 -8.28 6.96 -24.65
N ILE A 141 -7.82 5.74 -24.49
CA ILE A 141 -6.44 5.46 -24.72
C ILE A 141 -6.14 5.65 -26.25
N LEU A 142 -7.01 5.16 -27.13
CA LEU A 142 -6.81 5.34 -28.58
C LEU A 142 -6.78 6.81 -28.94
N ALA A 143 -7.66 7.58 -28.31
CA ALA A 143 -7.70 9.02 -28.61
C ALA A 143 -6.46 9.74 -28.09
N ILE A 144 -5.98 9.31 -26.92
CA ILE A 144 -4.76 9.82 -26.37
C ILE A 144 -3.62 9.60 -27.35
N ASP A 145 -3.47 8.37 -27.83
CA ASP A 145 -2.32 8.09 -28.75
C ASP A 145 -2.44 8.82 -30.07
N ASP A 146 -3.68 8.92 -30.54
CA ASP A 146 -3.93 9.49 -31.85
C ASP A 146 -3.65 10.98 -31.81
N THR A 147 -4.06 11.63 -30.67
CA THR A 147 -3.77 13.06 -30.54
C THR A 147 -2.22 13.34 -30.47
N TYR A 148 -1.51 12.51 -29.71
CA TYR A 148 -0.07 12.63 -29.56
C TYR A 148 0.65 12.48 -30.94
N ASN A 149 0.31 11.43 -31.63
CA ASN A 149 0.90 11.22 -32.94
C ASN A 149 0.74 12.44 -33.81
N HIS A 150 -0.45 13.06 -33.84
CA HIS A 150 -0.65 14.21 -34.71
C HIS A 150 0.05 15.46 -34.24
N PHE A 151 0.18 15.65 -32.94
CA PHE A 151 0.93 16.78 -32.48
C PHE A 151 2.42 16.55 -32.73
N VAL A 152 2.85 15.30 -32.68
CA VAL A 152 4.27 15.00 -33.03
C VAL A 152 4.55 15.39 -34.47
N LYS A 153 3.68 14.93 -35.36
CA LYS A 153 3.83 15.21 -36.75
C LYS A 153 3.73 16.68 -37.09
N PHE A 154 2.74 17.37 -36.51
CA PHE A 154 2.61 18.83 -36.65
C PHE A 154 3.89 19.52 -36.23
N SER A 155 4.45 19.12 -35.09
CA SER A 155 5.69 19.76 -34.64
C SER A 155 6.84 19.50 -35.66
N GLN A 156 6.95 18.25 -36.10
CA GLN A 156 7.93 17.87 -37.14
C GLN A 156 7.75 18.71 -38.41
N TRP A 157 6.50 18.89 -38.84
CA TRP A 157 6.25 19.73 -39.96
C TRP A 157 6.68 21.19 -39.72
N MET A 158 6.33 21.80 -38.59
CA MET A 158 6.71 23.19 -38.37
C MET A 158 8.22 23.36 -38.52
N ILE A 159 8.95 22.41 -37.96
CA ILE A 159 10.36 22.52 -37.85
C ILE A 159 11.03 22.19 -39.24
N GLU A 160 10.74 21.02 -39.81
CA GLU A 160 11.39 20.56 -41.04
C GLU A 160 11.01 21.43 -42.24
N SER A 161 9.78 21.92 -42.28
CA SER A 161 9.31 22.69 -43.41
C SER A 161 10.07 23.98 -43.53
N LEU A 162 10.56 24.51 -42.41
CA LEU A 162 11.34 25.76 -42.40
C LEU A 162 12.82 25.49 -42.28
N ARG A 163 13.22 24.24 -42.22
CA ARG A 163 14.63 23.87 -42.06
C ARG A 163 15.31 24.48 -40.85
N ILE A 164 14.60 24.46 -39.72
CA ILE A 164 15.17 24.95 -38.45
C ILE A 164 15.48 23.84 -37.45
N GLY A 165 15.39 22.60 -37.95
CA GLY A 165 15.71 21.37 -37.22
C GLY A 165 17.12 21.27 -36.73
N SER A 166 17.31 20.49 -35.70
CA SER A 166 18.59 20.25 -35.10
C SER A 166 18.40 19.11 -34.12
N ASN A 167 19.51 18.60 -33.64
CA ASN A 167 19.49 17.52 -32.70
C ASN A 167 18.69 17.91 -31.44
N LEU A 168 18.81 19.18 -31.05
CA LEU A 168 18.23 19.68 -29.83
C LEU A 168 16.71 19.75 -29.96
N LEU A 169 16.17 19.95 -31.16
CA LEU A 169 14.75 19.88 -31.43
C LEU A 169 14.16 18.56 -31.86
N ASP A 170 14.98 17.51 -32.07
CA ASP A 170 14.44 16.19 -32.39
C ASP A 170 13.57 15.64 -31.25
N LEU A 171 12.47 15.00 -31.62
CA LEU A 171 11.58 14.30 -30.72
C LEU A 171 11.97 12.83 -30.63
N GLU A 172 11.96 12.27 -29.42
CA GLU A 172 12.35 10.89 -29.24
C GLU A 172 11.62 9.94 -30.21
N VAL A 173 10.32 10.06 -30.31
CA VAL A 173 9.55 9.10 -31.08
C VAL A 173 9.86 9.17 -32.60
N VAL A 174 10.19 10.35 -33.12
CA VAL A 174 10.51 10.52 -34.53
C VAL A 174 11.87 9.87 -34.79
N GLN A 175 12.85 10.15 -33.96
CA GLN A 175 14.14 9.49 -34.07
C GLN A 175 14.07 8.00 -33.88
N PHE A 176 13.20 7.52 -33.02
CA PHE A 176 13.03 6.09 -32.85
C PHE A 176 12.54 5.40 -34.14
N ALA A 177 11.60 6.05 -34.80
CA ALA A 177 11.07 5.52 -36.03
C ALA A 177 12.11 5.55 -37.18
N ILE A 178 12.92 6.59 -37.28
CA ILE A 178 14.05 6.67 -38.22
C ILE A 178 15.14 5.62 -37.97
N LYS A 179 15.61 5.50 -36.74
CA LYS A 179 16.56 4.45 -36.39
C LYS A 179 15.97 3.04 -36.64
N SER A 180 14.74 2.81 -36.21
CA SER A 180 14.07 1.54 -36.49
C SER A 180 13.97 1.17 -37.99
N ALA A 181 13.70 2.17 -38.82
CA ALA A 181 13.56 1.99 -40.25
C ALA A 181 14.92 1.66 -40.88
N ASP A 182 15.95 2.47 -40.58
CA ASP A 182 17.37 2.25 -41.01
C ASP A 182 18.00 0.89 -40.62
N GLU A 183 17.40 0.14 -39.69
CA GLU A 183 17.79 -1.25 -39.44
C GLU A 183 16.68 -2.29 -39.80
N ASP A 184 15.63 -1.86 -40.52
CA ASP A 184 14.67 -2.74 -41.29
C ASP A 184 14.65 -2.58 -42.80
N GLU A 190 9.17 5.51 -50.18
CA GLU A 190 9.45 4.13 -49.71
C GLU A 190 8.48 3.42 -48.72
N THR A 191 7.81 4.18 -47.83
CA THR A 191 7.32 3.64 -46.50
C THR A 191 5.91 4.07 -45.89
N ASP A 192 5.30 3.17 -45.11
CA ASP A 192 3.98 3.41 -44.52
C ASP A 192 3.97 4.37 -43.31
N ASN A 193 5.01 4.39 -42.43
CA ASN A 193 5.00 5.11 -41.10
C ASN A 193 4.80 6.63 -41.19
N ILE A 194 3.66 7.03 -40.64
CA ILE A 194 3.32 8.38 -40.20
C ILE A 194 4.51 9.41 -40.06
N PHE A 195 5.51 9.07 -39.26
CA PHE A 195 6.64 9.97 -38.93
C PHE A 195 7.80 9.91 -39.90
N LEU A 196 7.83 8.87 -40.73
CA LEU A 196 8.92 8.72 -41.64
C LEU A 196 8.76 9.46 -42.94
N GLN A 197 7.55 9.91 -43.27
CA GLN A 197 7.28 10.57 -44.52
C GLN A 197 8.01 11.91 -44.65
N GLU A 198 8.50 12.18 -45.85
CA GLU A 198 9.23 13.40 -46.19
C GLU A 198 8.38 14.66 -45.95
N ILE A 199 9.01 15.70 -45.43
CA ILE A 199 8.39 17.01 -45.33
C ILE A 199 9.00 17.97 -46.34
N LEU A 200 8.10 18.53 -47.16
CA LEU A 200 8.48 19.51 -48.16
C LEU A 200 8.81 20.83 -47.50
N PRO A 201 9.97 21.41 -47.83
CA PRO A 201 10.21 22.84 -47.59
C PRO A 201 9.08 23.71 -48.09
N VAL A 202 8.71 24.73 -47.31
CA VAL A 202 7.76 25.74 -47.75
C VAL A 202 8.64 26.81 -48.33
N ASN A 203 8.10 27.56 -49.28
CA ASN A 203 8.87 28.61 -50.00
C ASN A 203 8.43 30.05 -49.69
N SER A 204 7.35 30.22 -48.93
CA SER A 204 6.90 31.56 -48.48
C SER A 204 6.07 31.44 -47.22
N GLU A 205 5.77 32.58 -46.59
CA GLU A 205 4.86 32.57 -45.45
C GLU A 205 3.44 32.16 -45.89
N GLU A 206 3.02 32.58 -47.07
CA GLU A 206 1.67 32.27 -47.54
C GLU A 206 1.46 30.74 -47.54
N GLU A 207 2.46 30.03 -48.01
CA GLU A 207 2.40 28.57 -48.08
C GLU A 207 2.35 27.91 -46.66
N PHE A 208 3.12 28.48 -45.72
CA PHE A 208 3.10 28.09 -44.29
C PHE A 208 1.76 28.41 -43.67
N GLN A 209 1.25 29.59 -43.93
CA GLN A 209 -0.05 30.01 -43.41
C GLN A 209 -1.16 29.02 -43.76
N THR A 210 -1.17 28.60 -45.01
CA THR A 210 -2.19 27.76 -45.61
C THR A 210 -2.12 26.33 -45.05
N LEU A 211 -0.90 25.79 -44.99
CA LEU A 211 -0.66 24.50 -44.40
C LEU A 211 -0.93 24.49 -42.88
N SER A 212 -0.53 25.54 -42.16
CA SER A 212 -0.90 25.67 -40.74
C SER A 212 -2.40 25.60 -40.52
N ALA A 213 -3.18 26.26 -41.36
CA ALA A 213 -4.66 26.31 -41.28
C ALA A 213 -5.28 24.94 -41.51
N ALA A 214 -4.73 24.21 -42.46
CA ALA A 214 -5.17 22.86 -42.71
C ALA A 214 -4.81 21.94 -41.51
N TRP A 215 -3.63 22.13 -40.97
CA TRP A 215 -3.21 21.43 -39.76
C TRP A 215 -4.12 21.79 -38.59
N HIS A 216 -4.39 23.10 -38.42
CA HIS A 216 -5.30 23.55 -37.40
C HIS A 216 -6.64 22.80 -37.44
N SER A 217 -7.18 22.58 -38.62
CA SER A 217 -8.44 21.90 -38.76
C SER A 217 -8.34 20.45 -38.30
N ILE A 218 -7.28 19.78 -38.67
CA ILE A 218 -7.07 18.41 -38.30
C ILE A 218 -6.89 18.24 -36.79
N LEU A 219 -6.10 19.10 -36.18
CA LEU A 219 -5.80 18.96 -34.76
C LEU A 219 -6.97 19.30 -33.84
N ASP A 220 -7.72 20.29 -34.27
CA ASP A 220 -8.97 20.66 -33.66
C ASP A 220 -9.73 19.46 -34.21
N GLY A 221 -10.54 18.70 -33.58
CA GLY A 221 -10.88 17.56 -34.55
C GLY A 221 -10.38 16.41 -33.79
N LYS A 222 -9.04 16.26 -33.68
CA LYS A 222 -8.49 15.32 -32.78
C LYS A 222 -8.70 15.75 -31.37
N LEU A 223 -8.57 17.04 -31.10
CA LEU A 223 -8.85 17.58 -29.72
C LEU A 223 -10.28 17.40 -29.30
N SER A 224 -11.19 17.50 -30.24
CA SER A 224 -12.61 17.28 -29.91
C SER A 224 -12.90 15.85 -29.66
N ALA A 225 -12.25 14.94 -30.43
CA ALA A 225 -12.44 13.49 -30.19
C ALA A 225 -11.88 13.13 -28.84
N LEU A 226 -10.75 13.74 -28.51
CA LEU A 226 -10.17 13.57 -27.18
C LEU A 226 -11.11 14.06 -26.04
N ASP A 227 -11.63 15.28 -26.17
CA ASP A 227 -12.60 15.83 -25.18
C ASP A 227 -13.80 14.93 -25.06
N GLU A 228 -14.31 14.43 -26.17
CA GLU A 228 -15.42 13.51 -26.11
C GLU A 228 -15.12 12.27 -25.29
N GLU A 229 -13.97 11.66 -25.54
CA GLU A 229 -13.61 10.46 -24.81
C GLU A 229 -13.28 10.69 -23.35
N PHE A 230 -12.66 11.81 -23.09
CA PHE A 230 -12.52 12.29 -21.71
C PHE A 230 -13.86 12.50 -20.99
N ASP A 231 -14.89 12.98 -21.67
CA ASP A 231 -16.19 13.11 -21.03
C ASP A 231 -16.83 11.76 -20.79
N VAL A 232 -16.66 10.83 -21.72
CA VAL A 232 -17.22 9.50 -21.54
C VAL A 232 -16.58 8.84 -20.32
N VAL A 233 -15.26 8.95 -20.19
CA VAL A 233 -14.60 8.39 -19.03
C VAL A 233 -14.94 9.12 -17.69
N ALA A 234 -15.06 10.45 -17.70
CA ALA A 234 -15.46 11.22 -16.48
C ALA A 234 -16.85 10.82 -16.01
N THR A 235 -17.75 10.66 -16.96
CA THR A 235 -19.10 10.14 -16.74
C THR A 235 -19.09 8.74 -16.17
N LYS A 236 -18.26 7.85 -16.72
CA LYS A 236 -18.06 6.49 -16.19
C LYS A 236 -17.64 6.52 -14.70
N TRP A 237 -16.62 7.29 -14.39
CA TRP A 237 -16.17 7.37 -13.01
C TRP A 237 -17.33 7.93 -12.11
N HIS A 238 -18.04 8.93 -12.60
CA HIS A 238 -19.12 9.57 -11.86
C HIS A 238 -20.32 8.65 -11.61
N ASP A 239 -20.70 7.87 -12.61
CA ASP A 239 -21.73 6.89 -12.45
C ASP A 239 -21.37 5.83 -11.45
N LYS A 240 -20.09 5.48 -11.33
CA LYS A 240 -19.67 4.37 -10.45
C LYS A 240 -19.25 4.80 -9.09
N PHE A 241 -18.69 6.00 -8.98
CA PHE A 241 -18.14 6.51 -7.75
C PHE A 241 -18.95 7.66 -7.14
N GLY A 242 -19.76 8.43 -7.90
CA GLY A 242 -20.58 9.57 -7.35
C GLY A 242 -19.96 10.97 -7.42
N LEU B 3 14.23 41.76 -27.28
CA LEU B 3 14.75 42.22 -25.95
C LEU B 3 16.32 42.18 -25.66
N GLY B 4 17.13 41.26 -26.26
CA GLY B 4 18.55 40.87 -25.84
C GLY B 4 19.92 41.57 -25.50
N SER B 5 20.82 41.54 -26.47
CA SER B 5 22.18 42.08 -26.34
C SER B 5 22.45 42.62 -27.77
N ASP B 6 23.48 43.45 -27.99
CA ASP B 6 23.92 43.83 -29.39
C ASP B 6 25.00 42.81 -29.90
N ILE B 7 25.24 41.83 -29.04
CA ILE B 7 26.51 41.13 -28.88
C ILE B 7 26.71 40.12 -29.98
N LYS B 8 27.88 40.10 -30.58
CA LYS B 8 28.17 39.17 -31.65
C LYS B 8 29.01 38.02 -31.18
N VAL B 9 28.92 36.94 -31.94
CA VAL B 9 29.76 35.79 -31.72
C VAL B 9 31.24 36.12 -31.98
N THR B 10 32.14 35.37 -31.38
CA THR B 10 33.59 35.48 -31.60
C THR B 10 34.08 34.09 -32.02
N PRO B 11 35.39 33.93 -32.37
CA PRO B 11 35.88 32.55 -32.66
C PRO B 11 35.77 31.54 -31.48
N GLY B 12 35.85 32.04 -30.24
CA GLY B 12 35.76 31.20 -29.04
C GLY B 12 34.35 30.74 -28.58
N THR B 13 33.30 31.12 -29.35
CA THR B 13 31.90 30.88 -29.02
C THR B 13 31.50 29.42 -29.14
N SER B 14 31.89 28.82 -30.26
CA SER B 14 31.69 27.39 -30.52
C SER B 14 32.14 26.52 -29.31
N GLU B 15 33.33 26.81 -28.80
CA GLU B 15 33.92 26.03 -27.75
C GLU B 15 33.17 26.25 -26.42
N LEU B 16 32.79 27.50 -26.15
CA LEU B 16 31.98 27.86 -24.98
C LEU B 16 30.69 27.05 -24.95
N VAL B 17 30.01 26.96 -26.10
CA VAL B 17 28.79 26.19 -26.25
C VAL B 17 29.01 24.68 -26.00
N GLU B 18 30.08 24.13 -26.54
CA GLU B 18 30.41 22.73 -26.30
C GLU B 18 30.66 22.48 -24.85
N GLN B 19 31.31 23.42 -24.17
CA GLN B 19 31.52 23.29 -22.69
C GLN B 19 30.24 23.34 -21.84
N ILE B 20 29.29 24.17 -22.24
CA ILE B 20 27.98 24.18 -21.61
C ILE B 20 27.22 22.88 -21.86
N LEU B 21 27.12 22.46 -23.13
CA LEU B 21 26.48 21.18 -23.47
C LEU B 21 27.09 20.00 -22.77
N ALA B 22 28.39 20.03 -22.55
CA ALA B 22 29.06 18.91 -21.89
C ALA B 22 28.66 18.79 -20.44
N LEU B 23 28.39 19.93 -19.78
CA LEU B 23 27.82 19.87 -18.43
C LEU B 23 26.46 19.15 -18.39
N LEU B 24 25.60 19.45 -19.37
CA LEU B 24 24.32 18.80 -19.47
C LEU B 24 24.44 17.35 -19.76
N SER B 25 25.40 16.99 -20.65
CA SER B 25 25.61 15.53 -20.97
C SER B 25 26.07 14.80 -19.71
N ARG B 26 26.94 15.39 -18.96
CA ARG B 26 27.43 14.77 -17.75
C ARG B 26 26.29 14.55 -16.66
N TYR B 27 25.37 15.52 -16.53
CA TYR B 27 24.19 15.41 -15.63
C TYR B 27 23.26 14.31 -16.08
N LEU B 28 22.91 14.32 -17.36
CA LEU B 28 22.14 13.26 -17.94
C LEU B 28 22.77 11.87 -17.77
N SER B 29 24.07 11.77 -18.01
CA SER B 29 24.73 10.45 -18.00
C SER B 29 24.84 9.87 -16.63
N SER B 30 25.07 10.75 -15.71
CA SER B 30 25.14 10.37 -14.32
C SER B 30 23.80 9.66 -13.86
N TYR B 31 22.67 10.25 -14.20
CA TYR B 31 21.35 9.66 -13.94
C TYR B 31 21.17 8.36 -14.69
N ILE B 32 21.51 8.37 -15.98
CA ILE B 32 21.34 7.17 -16.78
C ILE B 32 22.10 5.96 -16.19
N HIS B 33 23.33 6.19 -15.74
N HIS B 33 23.35 6.18 -15.77
CA HIS B 33 24.15 5.13 -15.16
CA HIS B 33 24.17 5.12 -15.20
C HIS B 33 23.51 4.60 -13.87
C HIS B 33 23.53 4.61 -13.88
N VAL B 34 23.07 5.49 -12.97
CA VAL B 34 22.50 4.96 -11.68
C VAL B 34 21.19 4.26 -11.97
N LEU B 35 20.40 4.81 -12.91
CA LEU B 35 19.08 4.26 -13.19
C LEU B 35 19.17 2.90 -13.90
N ASN B 36 20.17 2.72 -14.76
CA ASN B 36 20.41 1.34 -15.33
C ASN B 36 20.62 0.38 -14.20
N LYS B 37 21.43 0.77 -13.24
CA LYS B 37 21.66 -0.11 -12.11
C LYS B 37 20.39 -0.42 -11.33
N PHE B 38 19.60 0.65 -10.98
CA PHE B 38 18.38 0.45 -10.21
C PHE B 38 17.38 -0.43 -10.97
N ILE B 39 17.21 -0.12 -12.24
CA ILE B 39 16.35 -0.91 -13.13
C ILE B 39 16.76 -2.37 -13.21
N SER B 40 18.06 -2.65 -13.17
CA SER B 40 18.54 -4.04 -13.06
C SER B 40 18.15 -4.66 -11.72
N HIS B 41 18.37 -4.03 -10.61
CA HIS B 41 17.95 -4.67 -9.36
C HIS B 41 16.44 -4.90 -9.36
N LEU B 42 15.66 -3.97 -9.88
CA LEU B 42 14.21 -4.05 -9.74
C LEU B 42 13.60 -5.18 -10.53
N ARG B 43 14.31 -5.61 -11.56
CA ARG B 43 13.94 -6.81 -12.34
C ARG B 43 13.72 -8.04 -11.48
N ARG B 44 14.32 -8.10 -10.29
CA ARG B 44 14.23 -9.23 -9.37
C ARG B 44 13.17 -8.99 -8.25
N VAL B 45 12.43 -7.87 -8.27
CA VAL B 45 11.41 -7.63 -7.30
C VAL B 45 10.07 -7.64 -8.00
N ALA B 46 9.32 -8.71 -7.80
CA ALA B 46 8.05 -8.88 -8.39
C ALA B 46 7.05 -7.70 -8.18
N THR B 47 6.95 -7.23 -6.97
CA THR B 47 6.01 -6.12 -6.64
C THR B 47 6.34 -4.79 -7.26
N LEU B 48 7.56 -4.62 -7.80
CA LEU B 48 7.91 -3.31 -8.41
C LEU B 48 7.98 -3.29 -9.89
N ARG B 49 7.32 -4.25 -10.50
CA ARG B 49 7.31 -4.41 -11.99
C ARG B 49 6.84 -3.19 -12.77
N PHE B 50 5.70 -2.61 -12.36
CA PHE B 50 5.19 -1.47 -13.12
C PHE B 50 5.96 -0.22 -12.86
N GLU B 51 6.57 -0.15 -11.70
CA GLU B 51 7.31 1.02 -11.39
C GLU B 51 8.59 1.01 -12.23
N ARG B 52 9.18 -0.16 -12.32
CA ARG B 52 10.35 -0.43 -13.09
C ARG B 52 10.13 0.06 -14.51
N THR B 53 8.98 -0.26 -15.08
CA THR B 53 8.65 0.26 -16.43
C THR B 53 8.55 1.75 -16.48
N THR B 54 7.99 2.38 -15.45
CA THR B 54 7.96 3.86 -15.46
C THR B 54 9.35 4.47 -15.47
N LEU B 55 10.26 3.96 -14.66
CA LEU B 55 11.64 4.39 -14.74
C LEU B 55 12.34 4.13 -16.08
N ILE B 56 12.06 2.97 -16.69
CA ILE B 56 12.56 2.72 -18.00
C ILE B 56 12.13 3.79 -18.97
N LYS B 57 10.85 4.16 -18.89
CA LYS B 57 10.35 5.25 -19.74
C LYS B 57 11.09 6.54 -19.49
N PHE B 58 11.42 6.83 -18.26
CA PHE B 58 12.24 8.06 -17.99
C PHE B 58 13.69 7.89 -18.49
N VAL B 59 14.35 6.79 -18.17
CA VAL B 59 15.75 6.64 -18.56
C VAL B 59 15.91 6.71 -20.15
N LYS B 60 14.97 6.18 -20.90
CA LYS B 60 14.94 6.44 -22.31
C LYS B 60 14.89 7.86 -22.70
N LYS B 61 14.06 8.64 -22.01
CA LYS B 61 14.01 10.06 -22.37
C LYS B 61 15.35 10.75 -22.11
N LEU B 62 15.99 10.42 -21.00
CA LEU B 62 17.25 11.02 -20.71
C LEU B 62 18.31 10.61 -21.70
N ARG B 63 18.33 9.32 -22.05
CA ARG B 63 19.30 8.73 -22.93
C ARG B 63 19.11 9.39 -24.30
N PHE B 64 17.86 9.63 -24.69
CA PHE B 64 17.62 10.33 -25.93
C PHE B 64 18.17 11.71 -25.87
N TYR B 65 17.95 12.43 -24.74
CA TYR B 65 18.42 13.79 -24.72
C TYR B 65 19.95 13.79 -24.79
N ASN B 66 20.54 12.86 -24.07
CA ASN B 66 22.01 12.80 -24.00
C ASN B 66 22.60 12.46 -25.39
N ASP B 67 22.01 11.49 -26.09
CA ASP B 67 22.45 11.16 -27.50
C ASP B 67 22.29 12.35 -28.39
N SER B 68 21.20 13.10 -28.22
CA SER B 68 21.01 14.32 -29.02
C SER B 68 22.13 15.35 -28.79
N VAL B 69 22.42 15.62 -27.52
CA VAL B 69 23.43 16.57 -27.13
C VAL B 69 24.79 16.06 -27.64
N LEU B 70 25.12 14.81 -27.41
CA LEU B 70 26.43 14.28 -27.83
C LEU B 70 26.64 14.27 -29.32
N SER B 71 25.59 14.18 -30.12
CA SER B 71 25.78 14.22 -31.55
C SER B 71 25.63 15.62 -32.19
N TYR B 72 25.22 16.59 -31.42
CA TYR B 72 25.09 17.99 -31.86
C TYR B 72 26.46 18.59 -32.12
N ASN B 73 26.68 19.10 -33.31
CA ASN B 73 27.91 19.84 -33.58
C ASN B 73 27.60 21.34 -33.57
N ALA B 74 28.06 22.00 -32.54
CA ALA B 74 27.68 23.38 -32.32
C ALA B 74 28.22 24.30 -33.42
N SER B 75 29.42 24.01 -33.93
CA SER B 75 30.03 24.87 -34.98
C SER B 75 29.16 24.89 -36.24
N GLU B 76 28.41 23.83 -36.49
CA GLU B 76 27.49 23.77 -37.62
C GLU B 76 26.47 24.87 -37.59
N PHE B 77 26.02 25.28 -36.40
CA PHE B 77 24.91 26.17 -36.29
C PHE B 77 25.36 27.60 -35.99
N ILE B 78 26.67 27.87 -36.10
CA ILE B 78 27.23 29.18 -35.76
C ILE B 78 27.93 29.81 -37.00
N ASN B 79 27.42 30.96 -37.41
CA ASN B 79 28.10 31.82 -38.36
C ASN B 79 28.77 32.95 -37.61
N GLU B 80 30.05 32.77 -37.33
CA GLU B 80 30.93 33.87 -37.05
C GLU B 80 31.11 34.61 -38.44
N GLY B 81 31.56 35.85 -38.50
CA GLY B 81 31.89 36.47 -39.80
C GLY B 81 33.39 36.45 -39.94
N LYS B 82 33.92 37.50 -40.58
CA LYS B 82 35.33 37.90 -40.35
C LYS B 82 35.50 39.24 -39.58
N ASP B 86 31.16 39.31 -41.61
CA ASP B 86 30.15 40.16 -40.95
C ASP B 86 29.70 41.41 -41.70
N PRO B 87 28.54 42.07 -41.32
CA PRO B 87 27.47 41.76 -40.34
C PRO B 87 26.61 40.52 -40.61
N GLU B 88 26.99 39.70 -41.60
CA GLU B 88 26.59 38.25 -41.64
C GLU B 88 26.75 37.46 -40.26
N ALA B 89 27.50 38.05 -39.33
CA ALA B 89 27.81 37.42 -38.05
C ALA B 89 26.54 37.19 -37.25
N ASP B 90 26.37 35.96 -36.77
CA ASP B 90 25.30 35.64 -35.82
C ASP B 90 25.43 36.47 -34.52
N SER B 91 24.29 36.89 -34.01
CA SER B 91 24.24 37.48 -32.69
C SER B 91 24.39 36.34 -31.64
N PHE B 92 25.01 36.68 -30.51
CA PHE B 92 25.24 35.74 -29.40
C PHE B 92 23.90 35.15 -28.89
N ASP B 93 22.88 36.00 -28.75
CA ASP B 93 21.51 35.54 -28.45
C ASP B 93 21.00 34.42 -29.38
N LYS B 94 21.17 34.58 -30.67
CA LYS B 94 20.67 33.58 -31.58
C LYS B 94 21.27 32.22 -31.27
N VAL B 95 22.54 32.22 -30.89
CA VAL B 95 23.31 31.03 -30.62
C VAL B 95 23.00 30.38 -29.26
N ILE B 96 22.82 31.18 -28.22
CA ILE B 96 22.54 30.66 -26.86
C ILE B 96 21.11 30.15 -26.72
N LEU B 97 20.20 30.75 -27.41
CA LEU B 97 18.82 30.44 -27.28
C LEU B 97 18.45 28.96 -27.38
N PRO B 98 18.92 28.25 -28.43
CA PRO B 98 18.62 26.79 -28.51
C PRO B 98 19.26 25.95 -27.44
N ILE B 99 20.40 26.38 -26.97
CA ILE B 99 21.09 25.73 -25.89
C ILE B 99 20.28 25.93 -24.62
N ALA B 100 19.92 27.18 -24.34
CA ALA B 100 19.09 27.45 -23.18
C ALA B 100 17.78 26.67 -23.22
N SER B 101 17.21 26.59 -24.41
CA SER B 101 15.93 25.92 -24.57
C SER B 101 16.07 24.38 -24.25
N MET B 102 17.20 23.80 -24.68
CA MET B 102 17.50 22.41 -24.36
C MET B 102 17.66 22.22 -22.82
N PHE B 103 18.35 23.14 -22.19
CA PHE B 103 18.53 23.12 -20.76
C PHE B 103 17.14 23.15 -20.07
N VAL B 104 16.29 24.02 -20.54
CA VAL B 104 14.95 24.15 -19.93
C VAL B 104 14.12 22.86 -20.04
N LYS B 105 14.19 22.23 -21.24
CA LYS B 105 13.47 21.03 -21.45
C LYS B 105 13.99 19.97 -20.52
N SER B 106 15.29 19.93 -20.38
CA SER B 106 15.95 18.87 -19.60
C SER B 106 15.59 19.02 -18.13
N VAL B 107 15.71 20.27 -17.67
CA VAL B 107 15.44 20.63 -16.31
C VAL B 107 13.98 20.26 -15.94
N GLU B 108 13.04 20.53 -16.80
CA GLU B 108 11.65 20.22 -16.44
C GLU B 108 11.45 18.73 -16.36
N THR B 109 12.19 18.00 -17.21
CA THR B 109 12.14 16.55 -17.23
C THR B 109 12.71 16.02 -15.94
N PHE B 110 13.85 16.51 -15.54
CA PHE B 110 14.42 16.12 -14.28
C PHE B 110 13.48 16.46 -13.08
N ASP B 111 12.77 17.58 -13.13
CA ASP B 111 11.87 17.90 -12.05
C ASP B 111 10.86 16.79 -11.92
N LEU B 112 10.31 16.33 -13.05
CA LEU B 112 9.24 15.28 -12.96
C LEU B 112 9.82 13.99 -12.46
N LEU B 113 10.98 13.64 -12.98
CA LEU B 113 11.63 12.41 -12.58
C LEU B 113 12.05 12.47 -11.12
N ASN B 114 12.73 13.55 -10.77
CA ASN B 114 13.12 13.73 -9.31
C ASN B 114 11.93 13.55 -8.31
N TYR B 115 10.72 14.04 -8.68
CA TYR B 115 9.61 13.87 -7.79
C TYR B 115 9.22 12.42 -7.68
N TYR B 116 9.18 11.78 -8.82
CA TYR B 116 8.83 10.37 -8.86
C TYR B 116 9.85 9.53 -8.13
N LEU B 117 11.11 9.79 -8.41
CA LEU B 117 12.19 8.97 -7.90
C LEU B 117 12.44 9.16 -6.43
N THR B 118 12.45 10.41 -5.97
CA THR B 118 12.78 10.73 -4.58
C THR B 118 11.60 10.79 -3.61
N GLN B 119 10.37 10.90 -4.10
CA GLN B 119 9.22 11.03 -3.21
C GLN B 119 8.26 9.86 -3.35
N SER B 120 7.42 9.86 -4.37
CA SER B 120 6.42 8.85 -4.44
C SER B 120 6.96 7.46 -4.53
N LEU B 121 8.07 7.28 -5.29
CA LEU B 121 8.56 5.93 -5.43
C LEU B 121 9.19 5.46 -4.16
N GLN B 122 9.89 6.37 -3.48
CA GLN B 122 10.50 6.02 -2.17
C GLN B 122 9.43 5.52 -1.21
N LYS B 123 8.27 6.16 -1.27
CA LYS B 123 7.25 5.73 -0.36
C LYS B 123 6.67 4.44 -0.77
N GLU B 124 6.41 4.34 -2.06
CA GLU B 124 5.83 3.09 -2.58
C GLU B 124 6.72 1.91 -2.27
N ILE B 125 8.03 2.11 -2.43
CA ILE B 125 8.96 1.02 -2.15
C ILE B 125 8.89 0.49 -0.74
N LEU B 126 8.96 1.42 0.15
CA LEU B 126 8.76 1.09 1.58
C LEU B 126 7.44 0.43 1.92
N SER B 127 6.37 0.95 1.36
CA SER B 127 5.06 0.35 1.57
C SER B 127 4.98 -1.10 1.00
N LYS B 128 5.63 -1.31 -0.14
CA LYS B 128 5.55 -2.63 -0.82
C LYS B 128 6.47 -3.65 -0.27
N THR B 129 7.67 -3.25 0.07
CA THR B 129 8.68 -4.24 0.49
C THR B 129 8.96 -4.26 1.97
N LEU B 130 8.56 -3.20 2.74
CA LEU B 130 8.72 -3.20 4.20
C LEU B 130 10.21 -3.12 4.60
N ASN B 131 11.15 -2.79 3.67
CA ASN B 131 12.47 -2.42 4.08
C ASN B 131 13.04 -1.32 3.20
N GLU B 132 14.23 -0.91 3.61
CA GLU B 132 15.01 0.14 3.06
C GLU B 132 16.17 -0.28 2.17
N ASP B 133 16.16 -1.52 1.74
CA ASP B 133 17.26 -2.07 0.94
C ASP B 133 17.48 -1.40 -0.44
N LEU B 134 16.38 -1.01 -1.06
CA LEU B 134 16.33 -0.40 -2.38
C LEU B 134 15.84 1.03 -2.36
N THR B 135 15.76 1.68 -1.18
CA THR B 135 15.51 3.15 -1.15
C THR B 135 16.78 3.89 -1.46
N LEU B 136 16.65 5.16 -1.74
CA LEU B 136 17.79 6.07 -1.83
C LEU B 136 18.29 6.45 -0.46
N THR B 137 19.52 6.90 -0.36
CA THR B 137 20.04 7.45 0.89
C THR B 137 19.52 8.86 0.92
N ALA B 138 19.39 9.37 2.13
CA ALA B 138 19.13 10.78 2.36
C ALA B 138 20.11 11.70 1.69
N GLU B 139 21.36 11.37 1.71
CA GLU B 139 22.42 12.19 1.07
C GLU B 139 22.30 12.26 -0.45
N SER B 140 21.91 11.16 -1.06
CA SER B 140 21.65 11.18 -2.53
C SER B 140 20.49 12.08 -2.88
N ILE B 141 19.45 12.11 -2.01
CA ILE B 141 18.32 12.94 -2.28
C ILE B 141 18.76 14.41 -2.17
N LEU B 142 19.57 14.72 -1.18
CA LEU B 142 20.11 16.08 -1.03
C LEU B 142 20.94 16.45 -2.24
N ALA B 143 21.79 15.55 -2.70
CA ALA B 143 22.60 15.85 -3.89
C ALA B 143 21.77 16.03 -5.16
N ILE B 144 20.74 15.21 -5.28
CA ILE B 144 19.78 15.35 -6.35
C ILE B 144 19.21 16.80 -6.33
N ASP B 145 18.71 17.23 -5.19
CA ASP B 145 18.01 18.54 -5.14
C ASP B 145 18.98 19.67 -5.34
N ASP B 146 20.15 19.53 -4.75
CA ASP B 146 21.16 20.54 -4.87
C ASP B 146 21.63 20.73 -6.31
N THR B 147 21.86 19.61 -7.05
CA THR B 147 22.25 19.68 -8.41
C THR B 147 21.15 20.34 -9.29
N TYR B 148 19.90 19.94 -9.09
CA TYR B 148 18.78 20.49 -9.86
C TYR B 148 18.71 22.00 -9.60
N ASN B 149 18.71 22.38 -8.32
CA ASN B 149 18.67 23.77 -8.01
C ASN B 149 19.73 24.58 -8.77
N HIS B 150 20.97 24.09 -8.83
CA HIS B 150 22.01 24.84 -9.51
C HIS B 150 21.89 24.85 -11.02
N PHE B 151 21.40 23.78 -11.62
CA PHE B 151 21.13 23.80 -13.02
C PHE B 151 19.92 24.70 -13.36
N VAL B 152 18.95 24.76 -12.49
CA VAL B 152 17.88 25.74 -12.64
C VAL B 152 18.46 27.15 -12.66
N LYS B 153 19.23 27.46 -11.65
CA LYS B 153 19.80 28.80 -11.54
C LYS B 153 20.74 29.18 -12.72
N PHE B 154 21.63 28.25 -13.10
CA PHE B 154 22.48 28.41 -14.26
C PHE B 154 21.64 28.69 -15.47
N SER B 155 20.56 27.96 -15.66
CA SER B 155 19.73 28.17 -16.84
C SER B 155 19.06 29.55 -16.76
N GLN B 156 18.51 29.89 -15.57
CA GLN B 156 18.02 31.26 -15.34
C GLN B 156 19.09 32.34 -15.71
N TRP B 157 20.32 32.15 -15.23
CA TRP B 157 21.37 33.10 -15.50
C TRP B 157 21.65 33.21 -17.00
N MET B 158 21.76 32.10 -17.71
CA MET B 158 22.01 32.15 -19.18
C MET B 158 20.94 33.00 -19.87
N ILE B 159 19.70 32.80 -19.47
CA ILE B 159 18.58 33.43 -20.13
C ILE B 159 18.41 34.92 -19.72
N GLU B 160 18.32 35.19 -18.41
CA GLU B 160 18.09 36.55 -17.91
C GLU B 160 19.30 37.47 -18.18
N SER B 161 20.53 36.96 -18.05
CA SER B 161 21.70 37.81 -18.23
C SER B 161 21.75 38.36 -19.65
N LEU B 162 21.20 37.63 -20.63
CA LEU B 162 21.14 38.09 -22.02
C LEU B 162 19.80 38.67 -22.41
N ARG B 163 18.85 38.73 -21.49
CA ARG B 163 17.50 39.26 -21.74
C ARG B 163 16.77 38.55 -22.88
N ILE B 164 16.86 37.23 -22.91
CA ILE B 164 16.18 36.42 -23.93
C ILE B 164 15.01 35.61 -23.38
N GLY B 165 14.71 35.89 -22.12
CA GLY B 165 13.60 35.34 -21.40
C GLY B 165 12.28 35.58 -22.07
N SER B 166 11.35 34.70 -21.79
CA SER B 166 9.96 34.79 -22.27
C SER B 166 9.15 33.77 -21.45
N ASN B 167 7.83 33.86 -21.58
CA ASN B 167 6.95 32.96 -20.87
C ASN B 167 7.27 31.51 -21.24
N LEU B 168 7.64 31.32 -22.49
CA LEU B 168 7.85 30.00 -23.03
C LEU B 168 9.14 29.40 -22.43
N LEU B 169 10.13 30.22 -22.08
CA LEU B 169 11.34 29.75 -21.40
C LEU B 169 11.32 29.73 -19.86
N ASP B 170 10.25 30.25 -19.23
CA ASP B 170 10.19 30.21 -17.81
C ASP B 170 10.22 28.74 -17.31
N LEU B 171 10.92 28.50 -16.20
CA LEU B 171 10.87 27.28 -15.48
C LEU B 171 9.79 27.32 -14.40
N GLU B 172 9.05 26.22 -14.23
CA GLU B 172 8.04 26.13 -13.22
C GLU B 172 8.57 26.54 -11.83
N VAL B 173 9.69 26.00 -11.39
CA VAL B 173 10.16 26.23 -10.04
C VAL B 173 10.61 27.70 -9.80
N VAL B 174 11.13 28.36 -10.83
CA VAL B 174 11.50 29.76 -10.66
C VAL B 174 10.25 30.64 -10.51
N GLN B 175 9.29 30.46 -11.40
CA GLN B 175 8.03 31.17 -11.31
C GLN B 175 7.32 30.89 -10.03
N PHE B 176 7.42 29.67 -9.52
CA PHE B 176 6.77 29.35 -8.24
C PHE B 176 7.36 30.24 -7.13
N ALA B 177 8.66 30.44 -7.14
CA ALA B 177 9.34 31.11 -6.08
C ALA B 177 9.09 32.58 -6.17
N ILE B 178 9.05 33.12 -7.38
CA ILE B 178 8.56 34.48 -7.59
C ILE B 178 7.09 34.73 -7.16
N LYS B 179 6.16 33.90 -7.58
CA LYS B 179 4.77 34.05 -7.20
C LYS B 179 4.56 33.84 -5.69
N SER B 180 5.21 32.84 -5.11
CA SER B 180 5.21 32.65 -3.67
C SER B 180 5.73 33.83 -2.89
N ALA B 181 6.81 34.46 -3.35
CA ALA B 181 7.40 35.64 -2.68
C ALA B 181 6.46 36.82 -2.70
N ASP B 182 5.97 37.18 -3.90
CA ASP B 182 5.02 38.26 -4.13
C ASP B 182 3.62 38.14 -3.41
N GLU B 183 3.29 36.97 -2.86
CA GLU B 183 2.16 36.82 -1.94
C GLU B 183 2.56 36.32 -0.51
N ASP B 184 3.86 36.28 -0.18
CA ASP B 184 4.37 35.97 1.18
C ASP B 184 5.23 37.12 1.88
N GLY B 185 5.51 38.21 1.19
CA GLY B 185 6.54 39.15 1.69
C GLY B 185 7.20 39.81 0.52
N THR B 186 8.13 39.09 -0.12
CA THR B 186 9.08 39.62 -1.14
C THR B 186 10.23 40.25 -0.35
N ASN B 187 10.89 39.46 0.50
CA ASN B 187 12.02 39.95 1.30
C ASN B 187 13.22 40.11 0.37
N ILE B 188 13.04 40.93 -0.69
CA ILE B 188 13.81 40.91 -1.98
C ILE B 188 15.23 41.51 -1.88
N GLY B 189 15.68 41.90 -0.69
CA GLY B 189 17.08 42.30 -0.49
C GLY B 189 17.85 41.22 0.23
N GLU B 190 17.46 40.90 1.47
CA GLU B 190 18.17 39.93 2.30
C GLU B 190 18.06 38.57 1.64
N THR B 191 16.89 38.29 1.07
CA THR B 191 16.72 37.23 0.06
C THR B 191 17.60 35.99 0.24
N ASP B 192 17.07 35.11 1.07
CA ASP B 192 17.62 33.79 1.14
C ASP B 192 17.28 33.01 -0.14
N ASN B 193 16.15 33.23 -0.83
CA ASN B 193 15.89 32.28 -1.89
C ASN B 193 16.83 32.44 -3.09
N ILE B 194 17.70 31.47 -3.18
CA ILE B 194 18.43 31.05 -4.38
C ILE B 194 17.91 31.61 -5.75
N PHE B 195 16.65 31.38 -6.07
CA PHE B 195 16.07 31.71 -7.38
C PHE B 195 15.55 33.11 -7.46
N LEU B 196 15.40 33.76 -6.32
CA LEU B 196 14.83 35.08 -6.25
C LEU B 196 15.85 36.18 -6.36
N GLN B 197 17.14 35.86 -6.26
CA GLN B 197 18.18 36.87 -6.45
C GLN B 197 18.26 37.46 -7.88
N GLU B 198 18.52 38.76 -7.97
CA GLU B 198 18.62 39.44 -9.25
C GLU B 198 19.74 38.89 -10.09
N ILE B 199 19.46 38.83 -11.39
CA ILE B 199 20.50 38.59 -12.37
C ILE B 199 20.85 39.87 -13.09
N LEU B 200 22.12 40.24 -13.01
CA LEU B 200 22.67 41.33 -13.77
C LEU B 200 22.79 40.96 -15.27
N PRO B 201 22.24 41.80 -16.15
CA PRO B 201 22.68 41.84 -17.55
C PRO B 201 24.18 41.79 -17.71
N VAL B 202 24.66 41.00 -18.67
CA VAL B 202 26.07 41.00 -19.08
C VAL B 202 26.13 42.02 -20.19
N ASN B 203 27.30 42.64 -20.38
CA ASN B 203 27.46 43.71 -21.35
C ASN B 203 28.32 43.32 -22.53
N SER B 204 28.95 42.15 -22.48
CA SER B 204 29.78 41.67 -23.61
C SER B 204 29.89 40.15 -23.56
N GLU B 205 30.43 39.53 -24.63
CA GLU B 205 30.72 38.10 -24.59
C GLU B 205 31.82 37.77 -23.59
N GLU B 206 32.81 38.61 -23.45
CA GLU B 206 33.91 38.36 -22.49
C GLU B 206 33.33 38.14 -21.06
N GLU B 207 32.40 39.00 -20.71
CA GLU B 207 31.79 38.93 -19.40
C GLU B 207 30.94 37.62 -19.22
N PHE B 208 30.22 37.23 -20.27
CA PHE B 208 29.52 35.96 -20.31
C PHE B 208 30.51 34.80 -20.21
N GLN B 209 31.58 34.86 -20.96
CA GLN B 209 32.57 33.78 -21.01
C GLN B 209 33.11 33.48 -19.63
N THR B 210 33.39 34.55 -18.92
CA THR B 210 34.04 34.51 -17.61
C THR B 210 33.09 33.95 -16.53
N LEU B 211 31.85 34.45 -16.55
CA LEU B 211 30.79 33.96 -15.66
C LEU B 211 30.37 32.51 -15.99
N SER B 212 30.31 32.13 -17.29
CA SER B 212 30.19 30.71 -17.68
C SER B 212 31.21 29.81 -17.04
N ALA B 213 32.46 30.24 -17.07
CA ALA B 213 33.57 29.45 -16.56
C ALA B 213 33.50 29.25 -15.06
N ALA B 214 33.12 30.31 -14.36
CA ALA B 214 32.91 30.22 -12.93
C ALA B 214 31.69 29.32 -12.60
N TRP B 215 30.63 29.43 -13.39
CA TRP B 215 29.49 28.51 -13.32
C TRP B 215 29.95 27.09 -13.60
N HIS B 216 30.75 26.90 -14.65
CA HIS B 216 31.27 25.59 -14.99
C HIS B 216 31.97 24.95 -13.81
N SER B 217 32.78 25.70 -13.09
CA SER B 217 33.49 25.17 -11.93
C SER B 217 32.51 24.71 -10.81
N ILE B 218 31.48 25.51 -10.57
CA ILE B 218 30.49 25.21 -9.58
C ILE B 218 29.68 23.95 -9.92
N LEU B 219 29.21 23.85 -11.16
CA LEU B 219 28.36 22.73 -11.56
C LEU B 219 29.10 21.41 -11.60
N ASP B 220 30.36 21.50 -11.97
CA ASP B 220 31.24 20.38 -12.01
C ASP B 220 31.47 19.83 -10.64
N GLY B 221 31.59 20.71 -9.69
CA GLY B 221 31.58 20.32 -8.30
C GLY B 221 30.35 19.55 -7.86
N LYS B 222 29.21 20.06 -8.28
CA LYS B 222 27.95 19.45 -7.89
C LYS B 222 27.79 18.11 -8.60
N LEU B 223 28.22 18.04 -9.85
CA LEU B 223 28.13 16.79 -10.56
C LEU B 223 28.99 15.71 -9.97
N SER B 224 30.14 16.08 -9.42
CA SER B 224 31.01 15.12 -8.75
C SER B 224 30.45 14.68 -7.43
N ALA B 225 29.85 15.58 -6.67
CA ALA B 225 29.17 15.18 -5.46
C ALA B 225 28.00 14.24 -5.76
N LEU B 226 27.25 14.55 -6.81
CA LEU B 226 26.15 13.70 -7.27
C LEU B 226 26.65 12.30 -7.66
N ASP B 227 27.73 12.26 -8.44
CA ASP B 227 28.37 10.94 -8.83
C ASP B 227 28.81 10.16 -7.59
N GLU B 228 29.45 10.85 -6.63
CA GLU B 228 29.86 10.23 -5.36
C GLU B 228 28.65 9.56 -4.73
N GLU B 229 27.52 10.30 -4.61
CA GLU B 229 26.39 9.78 -3.87
C GLU B 229 25.64 8.66 -4.62
N PHE B 230 25.60 8.80 -5.93
CA PHE B 230 25.18 7.70 -6.79
C PHE B 230 26.02 6.44 -6.70
N ASP B 231 27.33 6.55 -6.46
CA ASP B 231 28.12 5.34 -6.19
C ASP B 231 27.86 4.75 -4.82
N VAL B 232 27.62 5.63 -3.82
CA VAL B 232 27.33 5.14 -2.49
C VAL B 232 26.02 4.37 -2.48
N VAL B 233 25.02 4.91 -3.16
CA VAL B 233 23.76 4.22 -3.25
C VAL B 233 23.78 2.95 -4.11
N ALA B 234 24.51 2.95 -5.20
CA ALA B 234 24.71 1.68 -6.00
C ALA B 234 25.34 0.56 -5.13
N THR B 235 26.34 0.95 -4.34
CA THR B 235 27.01 0.07 -3.40
C THR B 235 26.04 -0.46 -2.37
N LYS B 236 25.21 0.42 -1.83
CA LYS B 236 24.16 0.01 -0.91
C LYS B 236 23.21 -1.04 -1.49
N TRP B 237 22.70 -0.77 -2.68
CA TRP B 237 21.80 -1.70 -3.32
C TRP B 237 22.49 -3.04 -3.48
N HIS B 238 23.75 -3.00 -3.87
CA HIS B 238 24.50 -4.23 -4.01
C HIS B 238 24.59 -4.95 -2.69
N ASP B 239 25.00 -4.25 -1.66
CA ASP B 239 25.23 -4.88 -0.36
C ASP B 239 23.96 -5.33 0.29
N LYS B 240 22.85 -4.62 0.08
CA LYS B 240 21.60 -4.89 0.82
C LYS B 240 20.65 -5.78 0.11
N PHE B 241 20.69 -5.74 -1.20
CA PHE B 241 19.77 -6.51 -2.01
C PHE B 241 20.43 -7.43 -2.98
N GLY B 242 21.33 -6.85 -3.77
CA GLY B 242 21.92 -7.54 -4.87
C GLY B 242 22.66 -8.85 -4.61
N LYS B 243 23.60 -8.79 -3.69
CA LYS B 243 24.47 -9.89 -3.45
C LYS B 243 23.77 -11.03 -2.71
N LEU B 244 24.30 -12.23 -2.98
CA LEU B 244 23.78 -13.51 -2.44
C LEU B 244 23.99 -13.74 -0.93
N LYS B 245 23.05 -14.51 -0.36
CA LYS B 245 23.19 -15.10 1.02
C LYS B 245 22.33 -16.38 1.18
N LEU C 3 -11.43 -42.41 32.15
CA LEU C 3 -9.99 -42.03 32.25
C LEU C 3 -9.68 -41.21 33.51
N GLY C 4 -8.42 -41.21 33.92
CA GLY C 4 -7.90 -40.19 34.87
C GLY C 4 -6.95 -40.52 36.04
N SER C 5 -7.48 -40.43 37.25
CA SER C 5 -6.66 -40.65 38.47
C SER C 5 -7.06 -41.67 39.55
N ASP C 6 -8.32 -41.59 40.02
CA ASP C 6 -8.88 -42.14 41.32
C ASP C 6 -8.78 -41.12 42.51
N ILE C 7 -8.01 -40.06 42.26
CA ILE C 7 -7.51 -39.06 43.21
C ILE C 7 -8.63 -38.16 43.68
N LYS C 8 -8.72 -37.93 44.98
CA LYS C 8 -9.77 -37.10 45.55
C LYS C 8 -9.25 -35.74 45.91
N VAL C 9 -10.30 -34.83 46.01
CA VAL C 9 -10.07 -33.50 46.47
C VAL C 9 -9.69 -33.48 47.97
N THR C 10 -8.95 -32.47 48.42
CA THR C 10 -8.57 -32.27 49.83
C THR C 10 -9.07 -30.89 50.20
N PRO C 11 -8.93 -30.47 51.47
CA PRO C 11 -9.30 -29.07 51.80
C PRO C 11 -8.49 -27.96 51.07
N GLY C 12 -7.22 -28.28 50.73
CA GLY C 12 -6.33 -27.34 50.02
C GLY C 12 -6.54 -27.16 48.51
N THR C 13 -7.54 -27.86 47.94
CA THR C 13 -7.81 -27.91 46.49
C THR C 13 -8.37 -26.61 45.94
N SER C 14 -9.36 -26.08 46.64
CA SER C 14 -9.96 -24.78 46.33
C SER C 14 -8.88 -23.71 46.11
N GLU C 15 -7.92 -23.65 47.03
CA GLU C 15 -6.89 -22.64 46.99
C GLU C 15 -5.92 -22.86 45.79
N LEU C 16 -5.56 -24.11 45.54
CA LEU C 16 -4.71 -24.48 44.40
C LEU C 16 -5.34 -24.01 43.08
N VAL C 17 -6.64 -24.23 42.93
CA VAL C 17 -7.39 -23.79 41.76
C VAL C 17 -7.39 -22.25 41.64
N GLU C 18 -7.63 -21.53 42.72
CA GLU C 18 -7.58 -20.08 42.71
C GLU C 18 -6.19 -19.62 42.26
N GLN C 19 -5.13 -20.29 42.70
CA GLN C 19 -3.78 -19.89 42.31
C GLN C 19 -3.52 -20.09 40.83
N ILE C 20 -4.05 -21.18 40.27
CA ILE C 20 -3.93 -21.46 38.83
C ILE C 20 -4.71 -20.40 38.04
N LEU C 21 -5.96 -20.18 38.42
CA LEU C 21 -6.75 -19.17 37.78
C LEU C 21 -6.14 -17.81 37.83
N ALA C 22 -5.44 -17.50 38.91
CA ALA C 22 -4.85 -16.19 39.04
C ALA C 22 -3.73 -16.00 38.01
N LEU C 23 -3.01 -17.04 37.69
CA LEU C 23 -1.98 -16.93 36.65
C LEU C 23 -2.57 -16.57 35.30
N LEU C 24 -3.72 -17.17 34.97
CA LEU C 24 -4.43 -16.87 33.77
C LEU C 24 -4.93 -15.44 33.80
N SER C 25 -5.46 -15.01 34.92
CA SER C 25 -5.95 -13.63 35.01
C SER C 25 -4.78 -12.67 34.73
N ARG C 26 -3.65 -12.95 35.31
CA ARG C 26 -2.53 -12.05 35.18
C ARG C 26 -2.00 -11.95 33.69
N TYR C 27 -2.01 -13.08 32.98
CA TYR C 27 -1.71 -13.13 31.56
C TYR C 27 -2.71 -12.32 30.75
N LEU C 28 -3.99 -12.58 30.98
CA LEU C 28 -5.06 -11.80 30.33
C LEU C 28 -4.91 -10.29 30.60
N SER C 29 -4.67 -9.93 31.85
CA SER C 29 -4.69 -8.49 32.21
C SER C 29 -3.52 -7.76 31.60
N SER C 30 -2.40 -8.47 31.53
CA SER C 30 -1.20 -7.92 31.01
C SER C 30 -1.39 -7.50 29.53
N TYR C 31 -2.04 -8.37 28.77
CA TYR C 31 -2.45 -8.01 27.44
C TYR C 31 -3.45 -6.87 27.40
N ILE C 32 -4.49 -6.95 28.26
CA ILE C 32 -5.56 -5.95 28.22
C ILE C 32 -4.97 -4.54 28.44
N HIS C 33 -4.05 -4.45 29.37
CA HIS C 33 -3.42 -3.18 29.70
C HIS C 33 -2.61 -2.62 28.48
N VAL C 34 -1.79 -3.44 27.81
CA VAL C 34 -0.98 -2.93 26.71
C VAL C 34 -1.91 -2.61 25.57
N LEU C 35 -2.94 -3.42 25.38
CA LEU C 35 -3.84 -3.17 24.27
C LEU C 35 -4.68 -1.95 24.43
N ASN C 36 -5.09 -1.65 25.66
CA ASN C 36 -5.81 -0.38 25.85
C ASN C 36 -4.94 0.74 25.44
N LYS C 37 -3.67 0.68 25.81
CA LYS C 37 -2.75 1.72 25.36
C LYS C 37 -2.63 1.85 23.84
N PHE C 38 -2.39 0.71 23.15
CA PHE C 38 -2.22 0.72 21.73
C PHE C 38 -3.45 1.22 21.09
N ILE C 39 -4.58 0.73 21.55
CA ILE C 39 -5.89 1.14 20.97
C ILE C 39 -6.10 2.65 21.14
N SER C 40 -5.64 3.23 22.25
CA SER C 40 -5.67 4.66 22.39
C SER C 40 -4.75 5.40 21.38
N HIS C 41 -3.50 4.96 21.18
CA HIS C 41 -2.62 5.61 20.19
C HIS C 41 -3.22 5.50 18.85
N LEU C 42 -3.80 4.36 18.54
CA LEU C 42 -4.36 4.17 17.17
C LEU C 42 -5.56 5.03 16.79
N ARG C 43 -6.29 5.51 17.75
CA ARG C 43 -7.40 6.46 17.56
C ARG C 43 -6.97 7.66 16.81
N ARG C 44 -5.69 7.99 16.82
CA ARG C 44 -5.15 9.19 16.20
C ARG C 44 -4.55 8.92 14.83
N VAL C 45 -4.55 7.67 14.36
CA VAL C 45 -4.01 7.32 13.05
C VAL C 45 -5.18 6.91 12.16
N ALA C 46 -5.59 7.79 11.31
CA ALA C 46 -6.66 7.60 10.40
C ALA C 46 -6.57 6.28 9.55
N THR C 47 -5.37 5.93 9.07
CA THR C 47 -5.23 4.71 8.23
C THR C 47 -5.40 3.45 9.01
N LEU C 48 -5.37 3.50 10.35
CA LEU C 48 -5.48 2.26 11.10
C LEU C 48 -6.81 2.03 11.79
N ARG C 49 -7.85 2.65 11.27
CA ARG C 49 -9.14 2.62 11.90
C ARG C 49 -9.76 1.26 12.03
N PHE C 50 -9.75 0.52 10.96
CA PHE C 50 -10.40 -0.85 10.97
C PHE C 50 -9.58 -1.85 11.67
N GLU C 51 -8.28 -1.61 11.73
CA GLU C 51 -7.44 -2.49 12.52
C GLU C 51 -7.68 -2.27 14.00
N ARG C 52 -7.82 -0.99 14.38
CA ARG C 52 -8.16 -0.61 15.69
C ARG C 52 -9.43 -1.28 16.15
N THR C 53 -10.48 -1.29 15.33
CA THR C 53 -11.68 -2.02 15.70
C THR C 53 -11.45 -3.54 15.85
N THR C 54 -10.60 -4.16 15.03
CA THR C 54 -10.32 -5.60 15.23
C THR C 54 -9.66 -5.85 16.53
N LEU C 55 -8.70 -5.04 16.92
CA LEU C 55 -8.11 -5.18 18.25
C LEU C 55 -9.16 -5.02 19.42
N ILE C 56 -10.07 -4.06 19.24
CA ILE C 56 -11.07 -3.77 20.26
C ILE C 56 -11.87 -5.05 20.43
N LYS C 57 -12.21 -5.68 19.32
CA LYS C 57 -12.95 -6.94 19.38
C LYS C 57 -12.17 -7.95 20.16
N PHE C 58 -10.86 -8.02 19.93
CA PHE C 58 -10.06 -8.97 20.75
C PHE C 58 -9.98 -8.56 22.23
N VAL C 59 -9.68 -7.29 22.56
CA VAL C 59 -9.46 -6.94 23.88
C VAL C 59 -10.77 -7.25 24.70
N LYS C 60 -11.94 -7.03 24.10
CA LYS C 60 -13.18 -7.38 24.72
C LYS C 60 -13.26 -8.84 25.05
N LYS C 61 -12.82 -9.72 24.14
CA LYS C 61 -12.90 -11.15 24.43
C LYS C 61 -11.97 -11.49 25.58
N LEU C 62 -10.78 -10.88 25.60
CA LEU C 62 -9.86 -11.08 26.75
C LEU C 62 -10.47 -10.54 28.12
N ARG C 63 -11.06 -9.37 28.07
CA ARG C 63 -11.57 -8.69 29.24
C ARG C 63 -12.78 -9.51 29.75
N PHE C 64 -13.55 -10.11 28.82
CA PHE C 64 -14.61 -11.01 29.21
C PHE C 64 -14.07 -12.26 29.87
N TYR C 65 -13.01 -12.86 29.31
CA TYR C 65 -12.48 -14.06 29.93
C TYR C 65 -11.93 -13.70 31.31
N ASN C 66 -11.27 -12.55 31.43
CA ASN C 66 -10.63 -12.16 32.68
C ASN C 66 -11.77 -11.87 33.78
N ASP C 67 -12.84 -11.15 33.41
CA ASP C 67 -13.99 -10.91 34.32
C ASP C 67 -14.61 -12.25 34.75
N SER C 68 -14.76 -13.19 33.82
CA SER C 68 -15.31 -14.45 34.16
C SER C 68 -14.43 -15.16 35.19
N VAL C 69 -13.13 -15.24 34.91
CA VAL C 69 -12.18 -15.87 35.84
C VAL C 69 -12.20 -15.14 37.22
N LEU C 70 -12.14 -13.82 37.23
CA LEU C 70 -12.10 -13.08 38.47
C LEU C 70 -13.38 -13.25 39.33
N SER C 71 -14.54 -13.46 38.73
CA SER C 71 -15.75 -13.57 39.48
C SER C 71 -16.14 -15.02 39.78
N TYR C 72 -15.39 -15.98 39.22
CA TYR C 72 -15.54 -17.39 39.54
C TYR C 72 -15.11 -17.71 40.95
N ASN C 73 -16.00 -18.33 41.72
CA ASN C 73 -15.63 -18.77 43.05
C ASN C 73 -15.45 -20.27 43.03
N ALA C 74 -14.21 -20.70 43.16
CA ALA C 74 -13.88 -22.06 42.90
C ALA C 74 -14.49 -22.96 43.96
N SER C 75 -14.55 -22.47 45.19
CA SER C 75 -15.11 -23.29 46.30
C SER C 75 -16.58 -23.64 46.02
N GLU C 76 -17.28 -22.80 45.28
CA GLU C 76 -18.67 -23.07 44.90
C GLU C 76 -18.80 -24.37 44.09
N PHE C 77 -17.81 -24.73 43.29
CA PHE C 77 -17.91 -25.87 42.37
C PHE C 77 -17.13 -27.09 42.85
N ILE C 78 -16.72 -27.08 44.13
CA ILE C 78 -15.99 -28.19 44.73
C ILE C 78 -16.72 -28.81 45.95
N ASN C 79 -17.05 -30.11 45.84
CA ASN C 79 -17.50 -30.90 46.99
C ASN C 79 -16.40 -31.79 47.55
N GLU C 80 -15.75 -31.30 48.60
CA GLU C 80 -14.78 -32.11 49.40
C GLU C 80 -15.20 -33.30 50.31
N GLY C 81 -16.47 -33.48 50.64
CA GLY C 81 -16.84 -34.49 51.66
C GLY C 81 -16.54 -33.91 53.03
N LYS C 82 -16.30 -34.76 54.03
CA LYS C 82 -15.61 -34.32 55.25
C LYS C 82 -14.64 -35.35 55.88
N ASN C 83 -14.11 -36.35 55.16
CA ASN C 83 -13.16 -37.31 55.82
C ASN C 83 -12.14 -37.99 54.87
N GLU C 84 -11.49 -37.17 54.04
CA GLU C 84 -10.46 -37.63 53.08
C GLU C 84 -10.98 -38.60 51.95
N LEU C 85 -11.97 -39.42 52.32
CA LEU C 85 -12.63 -40.43 51.50
C LEU C 85 -14.04 -39.87 51.27
N ASP C 86 -14.99 -40.11 52.19
CA ASP C 86 -16.41 -39.68 52.05
C ASP C 86 -17.07 -40.11 50.73
N PRO C 87 -16.49 -41.14 50.03
CA PRO C 87 -16.40 -41.35 48.55
C PRO C 87 -17.48 -40.73 47.62
N GLU C 88 -18.37 -39.90 48.17
CA GLU C 88 -19.15 -38.85 47.41
C GLU C 88 -18.47 -37.40 47.21
N ALA C 89 -17.28 -37.28 47.80
CA ALA C 89 -16.21 -36.31 47.51
C ALA C 89 -15.95 -36.27 46.03
N ASP C 90 -15.80 -35.06 45.47
CA ASP C 90 -15.41 -34.88 44.08
C ASP C 90 -14.03 -35.49 43.82
N SER C 91 -13.92 -36.13 42.67
CA SER C 91 -12.61 -36.53 42.16
C SER C 91 -11.83 -35.28 41.68
N PHE C 92 -10.50 -35.30 41.85
CA PHE C 92 -9.62 -34.20 41.46
C PHE C 92 -9.76 -33.88 39.95
N ASP C 93 -9.84 -34.92 39.11
CA ASP C 93 -10.17 -34.74 37.69
C ASP C 93 -11.42 -33.88 37.43
N LYS C 94 -12.50 -34.17 38.12
CA LYS C 94 -13.75 -33.45 37.88
C LYS C 94 -13.54 -31.94 38.10
N VAL C 95 -12.73 -31.61 39.10
CA VAL C 95 -12.42 -30.26 39.46
C VAL C 95 -11.42 -29.51 38.51
N ILE C 96 -10.38 -30.19 38.05
CA ILE C 96 -9.39 -29.60 37.18
C ILE C 96 -9.90 -29.44 35.74
N LEU C 97 -10.76 -30.33 35.31
CA LEU C 97 -11.23 -30.34 33.96
C LEU C 97 -11.77 -29.01 33.43
N PRO C 98 -12.70 -28.36 34.14
CA PRO C 98 -13.16 -27.07 33.68
C PRO C 98 -12.07 -25.98 33.66
N ILE C 99 -11.12 -26.06 34.58
CA ILE C 99 -10.02 -25.11 34.67
C ILE C 99 -9.14 -25.32 33.42
N ALA C 100 -8.76 -26.55 33.16
CA ALA C 100 -7.97 -26.89 31.98
C ALA C 100 -8.69 -26.46 30.73
N SER C 101 -9.99 -26.63 30.71
CA SER C 101 -10.78 -26.28 29.53
C SER C 101 -10.76 -24.73 29.29
N MET C 102 -10.84 -23.95 30.37
CA MET C 102 -10.71 -22.52 30.32
C MET C 102 -9.32 -22.09 29.84
N PHE C 103 -8.29 -22.75 30.34
CA PHE C 103 -6.94 -22.50 29.86
C PHE C 103 -6.83 -22.74 28.34
N VAL C 104 -7.39 -23.85 27.89
CA VAL C 104 -7.33 -24.20 26.48
C VAL C 104 -8.03 -23.18 25.60
N LYS C 105 -9.22 -22.76 26.03
CA LYS C 105 -9.97 -21.72 25.29
C LYS C 105 -9.19 -20.40 25.23
N SER C 106 -8.57 -20.06 26.34
CA SER C 106 -7.80 -18.84 26.40
C SER C 106 -6.56 -18.91 25.43
N VAL C 107 -5.85 -20.02 25.54
CA VAL C 107 -4.63 -20.22 24.82
C VAL C 107 -4.90 -20.14 23.32
N GLU C 108 -6.00 -20.74 22.91
CA GLU C 108 -6.34 -20.71 21.49
C GLU C 108 -6.69 -19.28 21.03
N THR C 109 -7.33 -18.53 21.91
CA THR C 109 -7.62 -17.15 21.63
C THR C 109 -6.32 -16.35 21.50
N PHE C 110 -5.40 -16.55 22.42
CA PHE C 110 -4.12 -15.90 22.38
C PHE C 110 -3.31 -16.25 21.15
N ASP C 111 -3.41 -17.50 20.70
CA ASP C 111 -2.78 -17.86 19.47
C ASP C 111 -3.31 -16.98 18.32
N LEU C 112 -4.64 -16.85 18.20
CA LEU C 112 -5.19 -16.06 17.09
C LEU C 112 -4.76 -14.60 17.21
N LEU C 113 -4.80 -14.06 18.42
CA LEU C 113 -4.47 -12.65 18.63
C LEU C 113 -3.00 -12.40 18.40
N ASN C 114 -2.16 -13.26 18.97
CA ASN C 114 -0.72 -13.17 18.75
C ASN C 114 -0.36 -13.16 17.25
N TYR C 115 -1.02 -13.95 16.42
CA TYR C 115 -0.72 -13.93 14.98
C TYR C 115 -1.07 -12.59 14.36
N TYR C 116 -2.25 -12.12 14.69
CA TYR C 116 -2.68 -10.84 14.16
C TYR C 116 -1.78 -9.70 14.63
N LEU C 117 -1.52 -9.65 15.94
CA LEU C 117 -0.78 -8.58 16.58
C LEU C 117 0.67 -8.54 16.26
N THR C 118 1.33 -9.69 16.25
CA THR C 118 2.77 -9.72 16.01
C THR C 118 3.23 -9.97 14.54
N GLN C 119 2.34 -10.45 13.67
CA GLN C 119 2.71 -10.70 12.28
C GLN C 119 1.95 -9.82 11.32
N SER C 120 0.71 -10.15 10.98
CA SER C 120 0.06 -9.39 9.95
C SER C 120 -0.09 -7.93 10.24
N LEU C 121 -0.44 -7.56 11.52
CA LEU C 121 -0.67 -6.17 11.82
C LEU C 121 0.65 -5.40 11.77
N GLN C 122 1.73 -6.02 12.27
CA GLN C 122 3.04 -5.40 12.22
C GLN C 122 3.39 -5.07 10.77
N LYS C 123 3.04 -5.96 9.84
CA LYS C 123 3.36 -5.69 8.44
C LYS C 123 2.48 -4.65 7.89
N GLU C 124 1.20 -4.76 8.23
CA GLU C 124 0.24 -3.72 7.77
C GLU C 124 0.57 -2.29 8.29
N ILE C 125 1.00 -2.19 9.54
CA ILE C 125 1.40 -0.91 10.07
C ILE C 125 2.53 -0.26 9.33
N LEU C 126 3.56 -1.04 9.15
CA LEU C 126 4.70 -0.56 8.31
C LEU C 126 4.30 -0.16 6.92
N SER C 127 3.47 -0.98 6.28
CA SER C 127 3.05 -0.68 4.89
C SER C 127 2.22 0.60 4.86
N LYS C 128 1.39 0.76 5.85
CA LYS C 128 0.50 1.93 5.89
C LYS C 128 1.12 3.22 6.34
N THR C 129 1.99 3.16 7.32
CA THR C 129 2.59 4.38 7.88
C THR C 129 4.04 4.64 7.51
N LEU C 130 4.78 3.66 6.94
CA LEU C 130 6.12 3.88 6.46
C LEU C 130 7.07 4.17 7.63
N ASN C 131 6.67 4.00 8.91
CA ASN C 131 7.68 3.98 9.98
C ASN C 131 7.39 2.88 11.01
N GLU C 132 8.36 2.79 11.92
CA GLU C 132 8.40 1.88 13.03
C GLU C 132 7.89 2.45 14.41
N ASP C 133 7.22 3.60 14.41
CA ASP C 133 6.85 4.30 15.65
C ASP C 133 5.81 3.55 16.50
N LEU C 134 4.89 2.86 15.85
CA LEU C 134 3.84 2.06 16.43
C LEU C 134 3.96 0.58 16.25
N THR C 135 5.11 0.10 15.79
CA THR C 135 5.34 -1.37 15.76
C THR C 135 5.74 -1.84 17.17
N LEU C 136 5.71 -3.17 17.39
CA LEU C 136 6.26 -3.78 18.53
C LEU C 136 7.75 -3.88 18.44
N THR C 137 8.43 -4.03 19.56
CA THR C 137 9.85 -4.32 19.60
C THR C 137 9.99 -5.76 19.40
N ALA C 138 11.15 -6.14 18.83
CA ALA C 138 11.54 -7.51 18.68
C ALA C 138 11.46 -8.27 20.01
N GLU C 139 11.87 -7.63 21.09
CA GLU C 139 11.93 -8.27 22.45
C GLU C 139 10.53 -8.55 23.05
N SER C 140 9.59 -7.66 22.81
CA SER C 140 8.21 -7.93 23.15
C SER C 140 7.62 -9.12 22.38
N ILE C 141 7.98 -9.27 21.09
CA ILE C 141 7.48 -10.38 20.32
C ILE C 141 8.07 -11.67 20.87
N LEU C 142 9.35 -11.66 21.20
CA LEU C 142 9.97 -12.85 21.85
C LEU C 142 9.27 -13.17 23.15
N ALA C 143 8.96 -12.13 23.94
CA ALA C 143 8.33 -12.39 25.22
C ALA C 143 6.92 -12.95 25.03
N ILE C 144 6.22 -12.39 24.05
CA ILE C 144 4.91 -12.88 23.72
C ILE C 144 4.99 -14.39 23.44
N ASP C 145 5.90 -14.80 22.54
CA ASP C 145 5.95 -16.20 22.14
C ASP C 145 6.38 -17.07 23.31
N ASP C 146 7.31 -16.57 24.10
CA ASP C 146 7.89 -17.39 25.19
C ASP C 146 6.84 -17.62 26.29
N THR C 147 6.03 -16.60 26.60
CA THR C 147 4.96 -16.77 27.50
C THR C 147 3.88 -17.75 26.99
N TYR C 148 3.50 -17.59 25.76
CA TYR C 148 2.52 -18.51 25.15
C TYR C 148 3.02 -19.96 25.23
N ASN C 149 4.25 -20.16 24.80
CA ASN C 149 4.80 -21.53 24.79
C ASN C 149 4.68 -22.15 26.18
N HIS C 150 4.99 -21.39 27.22
CA HIS C 150 4.95 -21.92 28.57
C HIS C 150 3.55 -22.17 29.06
N PHE C 151 2.60 -21.33 28.66
CA PHE C 151 1.21 -21.57 29.05
C PHE C 151 0.67 -22.77 28.26
N VAL C 152 1.14 -22.97 27.04
CA VAL C 152 0.74 -24.16 26.30
C VAL C 152 1.21 -25.39 27.06
N LYS C 153 2.48 -25.39 27.44
CA LYS C 153 3.07 -26.55 28.09
C LYS C 153 2.49 -26.84 29.47
N PHE C 154 2.29 -25.78 30.29
CA PHE C 154 1.56 -25.88 31.52
C PHE C 154 0.18 -26.53 31.32
N SER C 155 -0.57 -26.09 30.31
CA SER C 155 -1.89 -26.64 30.08
C SER C 155 -1.79 -28.11 29.70
N GLN C 156 -0.85 -28.40 28.80
CA GLN C 156 -0.52 -29.80 28.45
C GLN C 156 -0.19 -30.64 29.71
N TRP C 157 0.63 -30.10 30.60
CA TRP C 157 0.99 -30.78 31.82
C TRP C 157 -0.25 -31.03 32.72
N MET C 158 -1.08 -30.01 32.94
CA MET C 158 -2.29 -30.20 33.74
C MET C 158 -3.12 -31.37 33.22
N ILE C 159 -3.27 -31.45 31.91
CA ILE C 159 -4.17 -32.38 31.29
C ILE C 159 -3.56 -33.78 31.23
N GLU C 160 -2.36 -33.89 30.67
CA GLU C 160 -1.72 -35.20 30.46
C GLU C 160 -1.31 -35.83 31.78
N SER C 161 -0.88 -35.03 32.77
CA SER C 161 -0.41 -35.57 34.03
C SER C 161 -1.55 -36.31 34.74
N LEU C 162 -2.79 -35.90 34.49
CA LEU C 162 -3.97 -36.52 35.12
C LEU C 162 -4.69 -37.46 34.17
N ARG C 163 -4.20 -37.60 32.96
CA ARG C 163 -4.84 -38.44 31.92
C ARG C 163 -6.29 -38.07 31.60
N ILE C 164 -6.56 -36.77 31.51
CA ILE C 164 -7.92 -36.28 31.21
C ILE C 164 -8.03 -35.71 29.80
N GLY C 165 -6.95 -35.91 29.04
CA GLY C 165 -6.86 -35.51 27.65
C GLY C 165 -7.95 -36.10 26.78
N SER C 166 -8.24 -35.43 25.69
CA SER C 166 -9.20 -35.88 24.68
C SER C 166 -9.03 -34.97 23.46
N ASN C 167 -9.64 -35.35 22.35
CA ASN C 167 -9.53 -34.60 21.09
C ASN C 167 -10.05 -33.18 21.28
N LEU C 168 -11.07 -33.05 22.13
CA LEU C 168 -11.71 -31.80 22.39
C LEU C 168 -10.81 -30.88 23.19
N LEU C 169 -9.94 -31.41 24.05
CA LEU C 169 -8.92 -30.61 24.76
C LEU C 169 -7.53 -30.41 24.12
N ASP C 170 -7.28 -31.09 23.02
CA ASP C 170 -6.02 -30.86 22.28
C ASP C 170 -5.87 -29.38 21.89
N LEU C 171 -4.65 -28.85 22.02
CA LEU C 171 -4.25 -27.54 21.48
C LEU C 171 -3.68 -27.65 20.07
N GLU C 172 -4.05 -26.74 19.18
CA GLU C 172 -3.58 -26.76 17.81
C GLU C 172 -2.07 -26.87 17.72
N VAL C 173 -1.34 -26.05 18.48
CA VAL C 173 0.10 -26.03 18.38
C VAL C 173 0.78 -27.35 18.85
N VAL C 174 0.21 -28.02 19.85
CA VAL C 174 0.77 -29.26 20.33
C VAL C 174 0.57 -30.35 19.27
N GLN C 175 -0.66 -30.48 18.76
CA GLN C 175 -0.94 -31.40 17.68
C GLN C 175 -0.13 -31.09 16.41
N PHE C 176 0.13 -29.83 16.11
CA PHE C 176 0.95 -29.50 14.98
C PHE C 176 2.36 -30.05 15.16
N ALA C 177 2.91 -29.96 16.37
CA ALA C 177 4.25 -30.41 16.62
C ALA C 177 4.34 -31.95 16.55
N ILE C 178 3.31 -32.63 17.03
CA ILE C 178 3.21 -34.06 16.93
C ILE C 178 3.09 -34.56 15.48
N LYS C 179 2.19 -33.98 14.70
CA LYS C 179 2.07 -34.34 13.28
C LYS C 179 3.31 -34.01 12.50
N SER C 180 3.89 -32.83 12.72
CA SER C 180 5.17 -32.44 12.12
C SER C 180 6.29 -33.39 12.43
N ALA C 181 6.37 -33.88 13.66
CA ALA C 181 7.39 -34.84 14.06
C ALA C 181 7.18 -36.18 13.34
N ASP C 182 5.96 -36.75 13.42
CA ASP C 182 5.54 -38.02 12.74
C ASP C 182 5.70 -38.03 11.20
N GLU C 183 5.90 -36.87 10.57
CA GLU C 183 6.28 -36.77 9.16
C GLU C 183 7.72 -36.25 8.94
N ASP C 184 8.51 -36.11 10.01
CA ASP C 184 10.01 -36.00 9.96
C ASP C 184 10.68 -37.24 10.65
N GLY C 185 10.13 -37.57 11.83
CA GLY C 185 10.17 -38.86 12.47
C GLY C 185 11.37 -39.72 12.19
N THR C 191 18.22 -31.91 20.46
CA THR C 191 17.61 -30.70 20.98
C THR C 191 16.10 -30.78 20.72
N ASP C 192 15.39 -31.51 21.58
CA ASP C 192 14.05 -31.94 21.30
C ASP C 192 13.02 -30.81 21.69
N ASN C 193 11.97 -30.76 20.88
CA ASN C 193 10.86 -29.82 20.96
C ASN C 193 10.14 -29.87 22.29
N ILE C 194 10.18 -28.73 22.98
CA ILE C 194 9.43 -28.51 24.22
C ILE C 194 8.05 -29.23 24.35
N PHE C 195 7.21 -29.23 23.31
CA PHE C 195 5.84 -29.81 23.38
C PHE C 195 5.80 -31.31 23.17
N LEU C 196 6.89 -31.87 22.60
CA LEU C 196 6.94 -33.27 22.25
C LEU C 196 7.40 -34.13 23.38
N GLN C 197 7.94 -33.57 24.46
CA GLN C 197 8.44 -34.35 25.61
C GLN C 197 7.35 -35.00 26.46
N GLU C 198 7.62 -36.21 26.93
CA GLU C 198 6.69 -37.04 27.71
C GLU C 198 6.34 -36.40 29.06
N ILE C 199 5.04 -36.45 29.42
CA ILE C 199 4.60 -35.94 30.69
C ILE C 199 4.32 -37.12 31.61
N LEU C 200 4.94 -37.12 32.78
CA LEU C 200 4.73 -38.14 33.78
C LEU C 200 3.34 -38.01 34.39
N PRO C 201 2.55 -39.11 34.39
CA PRO C 201 1.42 -39.21 35.31
C PRO C 201 1.80 -38.85 36.74
N VAL C 202 0.91 -38.13 37.40
CA VAL C 202 1.07 -37.84 38.78
C VAL C 202 0.34 -38.93 39.49
N ASN C 203 0.75 -39.26 40.71
CA ASN C 203 0.16 -40.36 41.47
C ASN C 203 -0.68 -39.92 42.69
N SER C 204 -0.70 -38.63 43.02
CA SER C 204 -1.49 -38.10 44.13
C SER C 204 -1.71 -36.62 43.95
N GLU C 205 -2.58 -36.02 44.77
CA GLU C 205 -2.71 -34.56 44.79
C GLU C 205 -1.47 -33.86 45.31
N GLU C 206 -0.79 -34.43 46.31
CA GLU C 206 0.45 -33.82 46.87
C GLU C 206 1.49 -33.57 45.75
N GLU C 207 1.64 -34.56 44.88
CA GLU C 207 2.57 -34.45 43.77
C GLU C 207 2.15 -33.36 42.75
N PHE C 208 0.84 -33.26 42.49
CA PHE C 208 0.26 -32.21 41.63
C PHE C 208 0.44 -30.84 42.26
N GLN C 209 0.16 -30.74 43.55
CA GLN C 209 0.29 -29.50 44.28
C GLN C 209 1.68 -28.91 44.14
N THR C 210 2.68 -29.77 44.29
CA THR C 210 4.06 -29.33 44.35
C THR C 210 4.58 -28.95 42.96
N LEU C 211 4.23 -29.74 41.94
CA LEU C 211 4.54 -29.41 40.56
C LEU C 211 3.80 -28.14 40.10
N SER C 212 2.52 -27.95 40.48
CA SER C 212 1.82 -26.68 40.24
C SER C 212 2.57 -25.49 40.75
N ALA C 213 3.09 -25.60 41.98
CA ALA C 213 3.81 -24.50 42.66
C ALA C 213 5.13 -24.17 41.94
N ALA C 214 5.83 -25.20 41.46
CA ALA C 214 7.04 -25.00 40.70
C ALA C 214 6.69 -24.36 39.33
N TRP C 215 5.58 -24.81 38.74
CA TRP C 215 5.06 -24.19 37.50
C TRP C 215 4.68 -22.74 37.77
N HIS C 216 4.00 -22.52 38.87
CA HIS C 216 3.62 -21.16 39.27
C HIS C 216 4.83 -20.24 39.28
N SER C 217 5.92 -20.68 39.85
CA SER C 217 7.10 -19.85 39.95
C SER C 217 7.67 -19.51 38.53
N ILE C 218 7.70 -20.49 37.64
CA ILE C 218 8.16 -20.29 36.28
C ILE C 218 7.29 -19.30 35.50
N LEU C 219 5.96 -19.48 35.56
CA LEU C 219 5.03 -18.67 34.76
C LEU C 219 4.99 -17.24 35.23
N ASP C 220 5.13 -17.08 36.53
CA ASP C 220 5.21 -15.79 37.15
C ASP C 220 6.45 -15.01 36.68
N GLY C 221 7.55 -15.71 36.53
CA GLY C 221 8.78 -15.19 35.90
C GLY C 221 8.59 -14.71 34.48
N LYS C 222 7.86 -15.52 33.72
CA LYS C 222 7.54 -15.16 32.35
C LYS C 222 6.54 -14.00 32.26
N LEU C 223 5.56 -13.98 33.14
CA LEU C 223 4.60 -12.90 33.15
C LEU C 223 5.25 -11.58 33.51
N SER C 224 6.27 -11.60 34.38
CA SER C 224 7.01 -10.37 34.74
C SER C 224 7.89 -9.91 33.61
N ALA C 225 8.52 -10.82 32.90
CA ALA C 225 9.28 -10.46 31.73
C ALA C 225 8.36 -9.84 30.66
N LEU C 226 7.18 -10.42 30.49
CA LEU C 226 6.19 -9.91 29.53
C LEU C 226 5.77 -8.49 29.91
N ASP C 227 5.44 -8.28 31.19
CA ASP C 227 5.09 -6.95 31.68
C ASP C 227 6.19 -5.95 31.46
N GLU C 228 7.42 -6.31 31.79
CA GLU C 228 8.53 -5.43 31.53
C GLU C 228 8.64 -5.03 30.04
N GLU C 229 8.54 -6.00 29.11
CA GLU C 229 8.62 -5.64 27.70
C GLU C 229 7.41 -4.83 27.21
N PHE C 230 6.23 -5.11 27.76
CA PHE C 230 5.04 -4.28 27.56
C PHE C 230 5.23 -2.84 28.05
N ASP C 231 5.99 -2.63 29.09
CA ASP C 231 6.28 -1.25 29.48
C ASP C 231 7.32 -0.55 28.59
N VAL C 232 8.32 -1.29 28.14
CA VAL C 232 9.29 -0.78 27.21
C VAL C 232 8.64 -0.35 25.88
N VAL C 233 7.74 -1.18 25.38
CA VAL C 233 6.99 -0.80 24.19
C VAL C 233 5.99 0.37 24.39
N ALA C 234 5.31 0.43 25.52
CA ALA C 234 4.40 1.57 25.81
C ALA C 234 5.19 2.88 25.83
N THR C 235 6.36 2.82 26.43
CA THR C 235 7.30 3.94 26.46
C THR C 235 7.79 4.38 25.08
N LYS C 236 8.11 3.40 24.23
CA LYS C 236 8.42 3.66 22.84
C LYS C 236 7.30 4.36 22.08
N TRP C 237 6.10 3.81 22.15
CA TRP C 237 4.94 4.44 21.49
C TRP C 237 4.76 5.88 21.97
N HIS C 238 4.92 6.09 23.29
CA HIS C 238 4.83 7.42 23.80
C HIS C 238 5.92 8.31 23.18
N ASP C 239 7.17 7.86 23.21
CA ASP C 239 8.27 8.69 22.73
C ASP C 239 8.26 8.91 21.24
N LYS C 240 7.86 7.90 20.45
CA LYS C 240 7.94 7.94 18.99
C LYS C 240 6.68 8.42 18.28
N PHE C 241 5.52 8.19 18.89
CA PHE C 241 4.25 8.68 18.36
C PHE C 241 3.44 9.64 19.26
N GLY C 242 3.22 9.22 20.49
CA GLY C 242 2.33 9.90 21.38
C GLY C 242 2.58 11.34 21.65
N LYS C 243 3.80 11.64 22.07
CA LYS C 243 4.10 12.94 22.51
C LYS C 243 4.25 13.94 21.40
N LEU C 244 3.98 15.18 21.77
CA LEU C 244 4.17 16.37 20.93
C LEU C 244 5.62 16.71 20.52
N LYS C 245 5.69 17.35 19.34
CA LYS C 245 6.89 17.89 18.68
C LYS C 245 6.67 19.38 18.36
N LEU D 3 -23.59 -29.26 41.26
CA LEU D 3 -24.72 -28.82 40.39
C LEU D 3 -25.12 -29.88 39.36
N GLY D 4 -26.35 -29.79 38.86
CA GLY D 4 -26.75 -30.50 37.62
C GLY D 4 -28.10 -31.23 37.44
N SER D 5 -28.03 -32.56 37.40
CA SER D 5 -29.24 -33.37 37.14
C SER D 5 -29.65 -34.52 38.11
N ASP D 6 -28.70 -35.43 38.39
CA ASP D 6 -28.87 -36.83 38.93
C ASP D 6 -28.99 -37.91 37.80
N ILE D 7 -29.17 -37.40 36.58
CA ILE D 7 -29.57 -38.11 35.35
C ILE D 7 -28.43 -38.98 34.84
N LYS D 8 -28.72 -40.22 34.50
CA LYS D 8 -27.70 -41.13 34.02
C LYS D 8 -27.77 -41.30 32.53
N VAL D 9 -26.64 -41.72 31.98
CA VAL D 9 -26.55 -42.09 30.58
C VAL D 9 -27.42 -43.32 30.26
N THR D 10 -27.85 -43.46 29.01
CA THR D 10 -28.60 -44.63 28.53
C THR D 10 -27.81 -45.18 27.33
N PRO D 11 -28.25 -46.30 26.72
CA PRO D 11 -27.55 -46.77 25.50
C PRO D 11 -27.58 -45.77 24.30
N GLY D 12 -28.65 -44.96 24.21
CA GLY D 12 -28.81 -43.98 23.12
C GLY D 12 -28.04 -42.66 23.24
N THR D 13 -27.24 -42.52 24.30
CA THR D 13 -26.49 -41.30 24.64
C THR D 13 -25.32 -41.04 23.69
N SER D 14 -24.53 -42.08 23.45
CA SER D 14 -23.41 -42.04 22.49
C SER D 14 -23.86 -41.44 21.14
N GLU D 15 -24.99 -41.90 20.64
CA GLU D 15 -25.49 -41.47 19.35
C GLU D 15 -25.99 -40.02 19.36
N LEU D 16 -26.68 -39.63 20.43
CA LEU D 16 -27.10 -38.25 20.66
C LEU D 16 -25.91 -37.28 20.59
N VAL D 17 -24.81 -37.64 21.24
CA VAL D 17 -23.58 -36.86 21.27
C VAL D 17 -22.98 -36.75 19.88
N GLU D 18 -22.93 -37.85 19.15
CA GLU D 18 -22.41 -37.84 17.76
C GLU D 18 -23.26 -36.92 16.90
N GLN D 19 -24.58 -36.94 17.09
CA GLN D 19 -25.43 -36.04 16.32
C GLN D 19 -25.20 -34.54 16.63
N ILE D 20 -25.00 -34.20 17.90
CA ILE D 20 -24.66 -32.83 18.30
C ILE D 20 -23.29 -32.39 17.70
N LEU D 21 -22.23 -33.21 17.88
CA LEU D 21 -20.95 -32.95 17.29
C LEU D 21 -21.00 -32.81 15.75
N ALA D 22 -21.85 -33.57 15.08
CA ALA D 22 -21.95 -33.47 13.65
C ALA D 22 -22.48 -32.11 13.23
N LEU D 23 -23.39 -31.51 14.00
CA LEU D 23 -23.84 -30.17 13.66
C LEU D 23 -22.66 -29.18 13.66
N LEU D 24 -21.79 -29.29 14.67
CA LEU D 24 -20.67 -28.40 14.81
C LEU D 24 -19.71 -28.62 13.67
N SER D 25 -19.50 -29.89 13.29
CA SER D 25 -18.61 -30.19 12.15
C SER D 25 -19.13 -29.60 10.87
N ARG D 26 -20.42 -29.68 10.70
CA ARG D 26 -21.03 -29.09 9.52
C ARG D 26 -20.87 -27.51 9.47
N TYR D 27 -21.01 -26.83 10.63
CA TYR D 27 -20.84 -25.37 10.73
C TYR D 27 -19.40 -24.98 10.40
N LEU D 28 -18.48 -25.65 11.05
CA LEU D 28 -17.06 -25.46 10.77
C LEU D 28 -16.72 -25.69 9.27
N SER D 29 -17.21 -26.77 8.68
CA SER D 29 -16.79 -27.12 7.33
C SER D 29 -17.31 -26.14 6.32
N SER D 30 -18.49 -25.66 6.59
CA SER D 30 -19.15 -24.72 5.73
C SER D 30 -18.30 -23.44 5.59
N TYR D 31 -17.78 -22.98 6.71
CA TYR D 31 -16.85 -21.86 6.68
C TYR D 31 -15.54 -22.17 6.00
N ILE D 32 -14.97 -23.31 6.34
CA ILE D 32 -13.71 -23.70 5.76
C ILE D 32 -13.76 -23.70 4.22
N HIS D 33 -14.86 -24.23 3.67
CA HIS D 33 -14.98 -24.30 2.19
C HIS D 33 -15.09 -22.89 1.58
N VAL D 34 -15.89 -21.99 2.18
CA VAL D 34 -16.05 -20.65 1.59
C VAL D 34 -14.73 -19.87 1.76
N LEU D 35 -14.05 -20.08 2.88
CA LEU D 35 -12.81 -19.36 3.12
C LEU D 35 -11.67 -19.83 2.23
N ASN D 36 -11.60 -21.12 1.95
CA ASN D 36 -10.58 -21.60 0.96
C ASN D 36 -10.76 -20.87 -0.34
N LYS D 37 -12.01 -20.72 -0.75
CA LYS D 37 -12.27 -20.01 -1.99
C LYS D 37 -11.83 -18.56 -1.95
N PHE D 38 -12.23 -17.86 -0.89
CA PHE D 38 -11.95 -16.45 -0.80
C PHE D 38 -10.47 -16.24 -0.78
N ILE D 39 -9.82 -17.04 0.06
CA ILE D 39 -8.36 -16.93 0.21
C ILE D 39 -7.70 -17.13 -1.13
N SER D 40 -8.22 -18.03 -1.95
CA SER D 40 -7.68 -18.14 -3.30
C SER D 40 -7.90 -16.90 -4.19
N HIS D 41 -9.10 -16.37 -4.23
CA HIS D 41 -9.30 -15.11 -5.02
C HIS D 41 -8.41 -13.93 -4.54
N LEU D 42 -8.23 -13.81 -3.22
CA LEU D 42 -7.40 -12.73 -2.68
C LEU D 42 -5.92 -12.79 -3.11
N ARG D 43 -5.43 -13.97 -3.49
CA ARG D 43 -4.06 -14.03 -4.02
C ARG D 43 -3.80 -12.98 -5.10
N ARG D 44 -4.84 -12.64 -5.84
CA ARG D 44 -4.68 -11.77 -6.98
C ARG D 44 -4.69 -10.33 -6.66
N VAL D 45 -4.95 -9.97 -5.39
CA VAL D 45 -5.07 -8.61 -5.02
C VAL D 45 -3.91 -8.25 -4.14
N ALA D 46 -2.99 -7.51 -4.69
CA ALA D 46 -1.74 -7.14 -4.05
C ALA D 46 -1.92 -6.36 -2.67
N THR D 47 -2.96 -5.54 -2.59
CA THR D 47 -3.20 -4.79 -1.38
C THR D 47 -3.80 -5.60 -0.23
N LEU D 48 -4.26 -6.82 -0.48
CA LEU D 48 -4.89 -7.57 0.56
C LEU D 48 -4.10 -8.68 1.18
N ARG D 49 -2.82 -8.58 1.00
CA ARG D 49 -1.90 -9.73 1.29
C ARG D 49 -1.90 -10.10 2.77
N PHE D 50 -1.79 -9.11 3.64
CA PHE D 50 -1.78 -9.38 5.10
C PHE D 50 -3.14 -9.73 5.68
N GLU D 51 -4.21 -9.28 5.03
CA GLU D 51 -5.52 -9.73 5.40
C GLU D 51 -5.74 -11.14 5.04
N ARG D 52 -5.26 -11.53 3.84
CA ARG D 52 -5.31 -12.87 3.40
C ARG D 52 -4.65 -13.76 4.44
N THR D 53 -3.43 -13.42 4.90
CA THR D 53 -2.75 -14.26 5.92
C THR D 53 -3.52 -14.36 7.27
N THR D 54 -4.18 -13.29 7.66
CA THR D 54 -5.06 -13.39 8.85
C THR D 54 -6.18 -14.40 8.61
N LEU D 55 -6.81 -14.38 7.44
CA LEU D 55 -7.86 -15.40 7.20
C LEU D 55 -7.33 -16.83 7.20
N ILE D 56 -6.11 -16.99 6.64
CA ILE D 56 -5.46 -18.28 6.65
C ILE D 56 -5.34 -18.77 8.09
N LYS D 57 -4.84 -17.90 8.96
CA LYS D 57 -4.73 -18.26 10.38
C LYS D 57 -6.04 -18.69 10.96
N PHE D 58 -7.11 -18.03 10.56
CA PHE D 58 -8.44 -18.44 11.07
C PHE D 58 -8.85 -19.75 10.48
N VAL D 59 -8.71 -19.91 9.16
CA VAL D 59 -9.19 -21.19 8.53
C VAL D 59 -8.44 -22.40 9.08
N LYS D 60 -7.16 -22.27 9.37
CA LYS D 60 -6.44 -23.32 10.12
C LYS D 60 -7.01 -23.67 11.50
N LYS D 61 -7.40 -22.66 12.30
CA LYS D 61 -7.98 -22.97 13.56
C LYS D 61 -9.28 -23.74 13.34
N LEU D 62 -10.10 -23.31 12.38
CA LEU D 62 -11.39 -23.97 12.17
C LEU D 62 -11.16 -25.39 11.75
N ARG D 63 -10.21 -25.57 10.87
CA ARG D 63 -9.93 -26.88 10.30
C ARG D 63 -9.44 -27.78 11.45
N PHE D 64 -8.63 -27.23 12.35
CA PHE D 64 -8.17 -28.00 13.51
C PHE D 64 -9.32 -28.41 14.42
N TYR D 65 -10.25 -27.49 14.67
CA TYR D 65 -11.41 -27.83 15.51
C TYR D 65 -12.27 -28.91 14.83
N ASN D 66 -12.44 -28.80 13.52
CA ASN D 66 -13.23 -29.76 12.77
C ASN D 66 -12.55 -31.13 12.79
N ASP D 67 -11.24 -31.19 12.53
CA ASP D 67 -10.51 -32.49 12.62
C ASP D 67 -10.67 -33.08 14.03
N SER D 68 -10.53 -32.27 15.07
CA SER D 68 -10.62 -32.77 16.42
C SER D 68 -12.03 -33.37 16.70
N VAL D 69 -13.09 -32.67 16.31
CA VAL D 69 -14.44 -33.18 16.40
C VAL D 69 -14.64 -34.46 15.57
N LEU D 70 -14.24 -34.45 14.32
CA LEU D 70 -14.41 -35.62 13.49
C LEU D 70 -13.68 -36.86 13.99
N SER D 71 -12.56 -36.71 14.68
CA SER D 71 -11.82 -37.89 15.09
C SER D 71 -12.17 -38.32 16.52
N TYR D 72 -12.95 -37.53 17.22
CA TYR D 72 -13.44 -37.87 18.55
C TYR D 72 -14.42 -39.03 18.50
N ASN D 73 -14.13 -40.09 19.23
CA ASN D 73 -15.07 -41.20 19.31
C ASN D 73 -15.79 -41.11 20.67
N ALA D 74 -17.07 -40.74 20.61
CA ALA D 74 -17.81 -40.37 21.82
C ALA D 74 -18.04 -41.57 22.72
N SER D 75 -18.23 -42.76 22.12
CA SER D 75 -18.40 -44.01 22.90
C SER D 75 -17.16 -44.33 23.76
N GLU D 76 -15.96 -43.95 23.33
CA GLU D 76 -14.75 -44.12 24.14
C GLU D 76 -14.85 -43.43 25.49
N PHE D 77 -15.53 -42.28 25.58
CA PHE D 77 -15.50 -41.48 26.81
C PHE D 77 -16.78 -41.68 27.65
N ILE D 78 -17.59 -42.69 27.33
CA ILE D 78 -18.86 -42.90 28.01
C ILE D 78 -18.82 -44.29 28.67
N ALA D 89 -22.13 -46.16 36.29
CA ALA D 89 -22.66 -45.41 35.17
C ALA D 89 -22.30 -43.95 35.27
N ASP D 90 -21.79 -43.40 34.17
CA ASP D 90 -21.58 -41.96 34.05
C ASP D 90 -22.90 -41.17 34.17
N SER D 91 -22.80 -40.03 34.85
CA SER D 91 -23.90 -39.07 34.85
C SER D 91 -23.94 -38.37 33.48
N PHE D 92 -25.14 -38.00 33.04
CA PHE D 92 -25.36 -37.31 31.77
C PHE D 92 -24.55 -36.00 31.73
N ASP D 93 -24.56 -35.22 32.83
CA ASP D 93 -23.70 -34.03 32.98
C ASP D 93 -22.21 -34.26 32.64
N LYS D 94 -21.63 -35.34 33.17
CA LYS D 94 -20.23 -35.61 32.94
C LYS D 94 -19.95 -35.75 31.44
N VAL D 95 -20.89 -36.33 30.73
CA VAL D 95 -20.78 -36.57 29.30
C VAL D 95 -21.03 -35.34 28.40
N ILE D 96 -22.02 -34.52 28.74
CA ILE D 96 -22.35 -33.32 27.95
C ILE D 96 -21.34 -32.18 28.16
N LEU D 97 -20.79 -32.08 29.36
CA LEU D 97 -19.89 -31.00 29.69
C LEU D 97 -18.72 -30.72 28.70
N PRO D 98 -17.92 -31.75 28.33
CA PRO D 98 -16.88 -31.51 27.32
C PRO D 98 -17.44 -31.11 25.93
N ILE D 99 -18.61 -31.60 25.57
CA ILE D 99 -19.25 -31.25 24.32
C ILE D 99 -19.66 -29.77 24.35
N ALA D 100 -20.36 -29.39 25.41
CA ALA D 100 -20.75 -27.98 25.62
C ALA D 100 -19.52 -27.08 25.61
N SER D 101 -18.43 -27.55 26.21
CA SER D 101 -17.24 -26.74 26.32
C SER D 101 -16.61 -26.50 24.88
N MET D 102 -16.63 -27.55 24.06
CA MET D 102 -16.20 -27.46 22.69
C MET D 102 -17.06 -26.49 21.87
N PHE D 103 -18.36 -26.55 22.11
CA PHE D 103 -19.29 -25.61 21.47
C PHE D 103 -18.95 -24.17 21.86
N VAL D 104 -18.71 -23.96 23.15
CA VAL D 104 -18.41 -22.64 23.64
C VAL D 104 -17.10 -22.09 22.99
N LYS D 105 -16.07 -22.92 22.96
CA LYS D 105 -14.80 -22.52 22.38
C LYS D 105 -14.97 -22.17 20.89
N SER D 106 -15.78 -22.97 20.21
CA SER D 106 -16.01 -22.77 18.79
C SER D 106 -16.79 -21.49 18.52
N VAL D 107 -17.84 -21.31 19.30
CA VAL D 107 -18.72 -20.13 19.22
C VAL D 107 -17.95 -18.82 19.49
N GLU D 108 -17.10 -18.81 20.51
CA GLU D 108 -16.29 -17.64 20.73
C GLU D 108 -15.29 -17.38 19.54
N THR D 109 -14.75 -18.45 18.94
CA THR D 109 -13.88 -18.33 17.77
C THR D 109 -14.67 -17.73 16.59
N PHE D 110 -15.86 -18.23 16.37
CA PHE D 110 -16.72 -17.69 15.34
C PHE D 110 -17.06 -16.24 15.57
N ASP D 111 -17.30 -15.84 16.85
CA ASP D 111 -17.58 -14.47 17.13
C ASP D 111 -16.42 -13.60 16.64
N LEU D 112 -15.19 -14.00 16.94
CA LEU D 112 -14.05 -13.21 16.53
C LEU D 112 -13.92 -13.17 14.97
N LEU D 113 -14.07 -14.32 14.33
CA LEU D 113 -13.90 -14.42 12.90
C LEU D 113 -15.00 -13.68 12.18
N ASN D 114 -16.23 -13.88 12.64
CA ASN D 114 -17.37 -13.11 12.07
C ASN D 114 -17.16 -11.62 12.12
N TYR D 115 -16.61 -11.08 13.22
CA TYR D 115 -16.41 -9.65 13.29
C TYR D 115 -15.38 -9.20 12.22
N TYR D 116 -14.30 -9.93 12.16
CA TYR D 116 -13.21 -9.62 11.20
C TYR D 116 -13.70 -9.74 9.76
N LEU D 117 -14.39 -10.83 9.49
CA LEU D 117 -14.86 -11.13 8.15
C LEU D 117 -15.99 -10.23 7.63
N THR D 118 -17.02 -10.03 8.44
CA THR D 118 -18.20 -9.26 8.02
C THR D 118 -18.15 -7.78 8.26
N GLN D 119 -17.23 -7.30 9.10
CA GLN D 119 -17.21 -5.87 9.45
C GLN D 119 -15.93 -5.23 9.07
N SER D 120 -14.87 -5.39 9.88
CA SER D 120 -13.65 -4.69 9.60
C SER D 120 -13.03 -5.04 8.22
N LEU D 121 -13.05 -6.32 7.82
CA LEU D 121 -12.46 -6.66 6.58
C LEU D 121 -13.31 -6.11 5.42
N GLN D 122 -14.63 -6.16 5.56
CA GLN D 122 -15.52 -5.58 4.53
C GLN D 122 -15.21 -4.12 4.36
N LYS D 123 -14.98 -3.39 5.47
CA LYS D 123 -14.64 -2.01 5.32
C LYS D 123 -13.24 -1.75 4.75
N GLU D 124 -12.29 -2.51 5.26
CA GLU D 124 -10.94 -2.44 4.74
C GLU D 124 -10.90 -2.73 3.20
N ILE D 125 -11.64 -3.71 2.75
CA ILE D 125 -11.70 -4.03 1.32
C ILE D 125 -12.19 -2.84 0.49
N LEU D 126 -13.30 -2.24 0.93
CA LEU D 126 -13.82 -1.03 0.26
C LEU D 126 -12.91 0.12 0.36
N SER D 127 -12.24 0.28 1.46
CA SER D 127 -11.27 1.40 1.55
C SER D 127 -10.06 1.20 0.57
N LYS D 128 -9.62 -0.04 0.49
CA LYS D 128 -8.41 -0.36 -0.31
C LYS D 128 -8.67 -0.35 -1.80
N THR D 129 -9.82 -0.86 -2.22
CA THR D 129 -10.04 -1.19 -3.60
C THR D 129 -11.23 -0.49 -4.25
N LEU D 130 -12.18 0.00 -3.43
CA LEU D 130 -13.55 0.31 -3.85
C LEU D 130 -14.31 -0.76 -4.62
N ASN D 131 -13.95 -2.02 -4.41
CA ASN D 131 -14.38 -3.07 -5.29
C ASN D 131 -15.38 -3.96 -4.63
N GLU D 132 -16.63 -3.85 -5.05
CA GLU D 132 -17.67 -4.49 -4.35
C GLU D 132 -17.84 -5.91 -4.80
N ASP D 133 -17.17 -6.31 -5.90
CA ASP D 133 -17.10 -7.70 -6.27
C ASP D 133 -16.38 -8.52 -5.18
N LEU D 134 -15.44 -7.89 -4.48
CA LEU D 134 -14.66 -8.56 -3.44
C LEU D 134 -15.39 -8.71 -2.09
N THR D 135 -16.54 -8.05 -1.91
CA THR D 135 -17.23 -8.04 -0.59
C THR D 135 -18.19 -9.19 -0.50
N LEU D 136 -18.68 -9.45 0.71
CA LEU D 136 -19.78 -10.44 0.94
C LEU D 136 -21.09 -9.84 0.50
N THR D 137 -22.06 -10.67 0.23
CA THR D 137 -23.42 -10.19 0.01
C THR D 137 -24.01 -9.86 1.38
N ALA D 138 -24.92 -8.89 1.40
CA ALA D 138 -25.76 -8.62 2.54
C ALA D 138 -26.45 -9.88 3.10
N GLU D 139 -26.92 -10.75 2.23
CA GLU D 139 -27.66 -11.94 2.65
C GLU D 139 -26.75 -12.96 3.35
N SER D 140 -25.49 -13.09 2.88
CA SER D 140 -24.52 -13.98 3.54
C SER D 140 -24.19 -13.47 4.94
N ILE D 141 -24.17 -12.13 5.12
CA ILE D 141 -23.91 -11.57 6.42
C ILE D 141 -25.10 -11.81 7.38
N LEU D 142 -26.33 -11.65 6.91
CA LEU D 142 -27.48 -12.05 7.67
C LEU D 142 -27.47 -13.53 8.04
N ALA D 143 -27.11 -14.40 7.11
CA ALA D 143 -27.11 -15.85 7.40
C ALA D 143 -26.01 -16.21 8.37
N ILE D 144 -24.87 -15.54 8.22
CA ILE D 144 -23.79 -15.64 9.22
C ILE D 144 -24.29 -15.31 10.65
N ASP D 145 -24.94 -14.16 10.81
CA ASP D 145 -25.35 -13.73 12.12
C ASP D 145 -26.46 -14.63 12.67
N ASP D 146 -27.37 -15.01 11.80
CA ASP D 146 -28.49 -15.80 12.21
C ASP D 146 -28.01 -17.17 12.67
N THR D 147 -27.03 -17.76 11.94
CA THR D 147 -26.50 -19.07 12.34
C THR D 147 -25.76 -19.00 13.70
N TYR D 148 -24.94 -17.98 13.86
CA TYR D 148 -24.27 -17.77 15.14
C TYR D 148 -25.28 -17.63 16.33
N ASN D 149 -26.28 -16.78 16.17
CA ASN D 149 -27.25 -16.57 17.21
C ASN D 149 -27.89 -17.88 17.65
N HIS D 150 -28.23 -18.74 16.71
CA HIS D 150 -28.83 -20.00 17.05
C HIS D 150 -27.89 -20.97 17.70
N PHE D 151 -26.64 -20.99 17.29
CA PHE D 151 -25.66 -21.86 17.96
C PHE D 151 -25.36 -21.35 19.37
N VAL D 152 -25.39 -20.03 19.55
CA VAL D 152 -25.26 -19.46 20.88
C VAL D 152 -26.37 -20.02 21.74
N LYS D 153 -27.61 -19.88 21.26
CA LYS D 153 -28.80 -20.20 22.06
C LYS D 153 -28.89 -21.68 22.34
N PHE D 154 -28.60 -22.50 21.33
CA PHE D 154 -28.43 -23.94 21.52
C PHE D 154 -27.41 -24.29 22.61
N SER D 155 -26.25 -23.65 22.59
CA SER D 155 -25.23 -23.93 23.58
C SER D 155 -25.74 -23.51 24.99
N GLN D 156 -26.35 -22.32 25.07
CA GLN D 156 -26.97 -21.87 26.30
C GLN D 156 -28.01 -22.90 26.80
N TRP D 157 -28.82 -23.42 25.89
CA TRP D 157 -29.81 -24.41 26.25
C TRP D 157 -29.15 -25.71 26.79
N MET D 158 -28.14 -26.24 26.10
CA MET D 158 -27.47 -27.45 26.58
C MET D 158 -26.94 -27.30 27.99
N ILE D 159 -26.38 -26.12 28.26
CA ILE D 159 -25.74 -25.86 29.54
C ILE D 159 -26.78 -25.58 30.64
N GLU D 160 -27.65 -24.60 30.41
CA GLU D 160 -28.59 -24.15 31.46
C GLU D 160 -29.65 -25.22 31.75
N SER D 161 -30.10 -25.94 30.73
CA SER D 161 -31.12 -26.95 30.94
C SER D 161 -30.66 -28.05 31.90
N LEU D 162 -29.37 -28.30 31.97
CA LEU D 162 -28.79 -29.32 32.86
C LEU D 162 -28.16 -28.70 34.09
N ARG D 163 -28.23 -27.38 34.24
CA ARG D 163 -27.59 -26.67 35.35
C ARG D 163 -26.10 -26.96 35.54
N ILE D 164 -25.34 -26.98 34.45
CA ILE D 164 -23.87 -27.19 34.48
C ILE D 164 -23.08 -25.93 34.18
N GLY D 165 -23.82 -24.81 34.10
CA GLY D 165 -23.32 -23.47 33.85
C GLY D 165 -22.33 -23.02 34.89
N SER D 166 -21.48 -22.10 34.48
CA SER D 166 -20.48 -21.53 35.36
C SER D 166 -19.92 -20.34 34.61
N ASN D 167 -19.13 -19.54 35.31
CA ASN D 167 -18.49 -18.38 34.73
C ASN D 167 -17.57 -18.77 33.57
N LEU D 168 -16.93 -19.94 33.71
CA LEU D 168 -15.97 -20.43 32.78
C LEU D 168 -16.66 -20.86 31.50
N LEU D 169 -17.92 -21.32 31.58
CA LEU D 169 -18.73 -21.59 30.39
C LEU D 169 -19.61 -20.46 29.79
N ASP D 170 -19.72 -19.32 30.47
CA ASP D 170 -20.47 -18.17 29.93
C ASP D 170 -19.88 -17.75 28.54
N LEU D 171 -20.78 -17.42 27.61
CA LEU D 171 -20.50 -16.82 26.38
C LEU D 171 -20.56 -15.30 26.49
N GLU D 172 -19.60 -14.63 25.88
CA GLU D 172 -19.56 -13.21 25.88
C GLU D 172 -20.90 -12.57 25.50
N VAL D 173 -21.47 -12.98 24.37
CA VAL D 173 -22.64 -12.31 23.87
C VAL D 173 -23.86 -12.50 24.80
N VAL D 174 -23.97 -13.64 25.47
CA VAL D 174 -25.09 -13.89 26.42
C VAL D 174 -24.93 -12.97 27.62
N GLN D 175 -23.76 -12.95 28.22
CA GLN D 175 -23.49 -12.04 29.31
C GLN D 175 -23.64 -10.59 28.93
N PHE D 176 -23.29 -10.21 27.71
CA PHE D 176 -23.49 -8.82 27.31
C PHE D 176 -24.97 -8.45 27.33
N ALA D 177 -25.80 -9.37 26.87
CA ALA D 177 -27.22 -9.10 26.79
C ALA D 177 -27.85 -9.05 28.19
N ILE D 178 -27.39 -9.90 29.10
CA ILE D 178 -27.79 -9.81 30.51
C ILE D 178 -27.37 -8.49 31.20
N LYS D 179 -26.12 -8.09 31.06
CA LYS D 179 -25.63 -6.86 31.66
C LYS D 179 -26.30 -5.68 31.05
N SER D 180 -26.48 -5.69 29.75
CA SER D 180 -27.27 -4.63 29.07
C SER D 180 -28.71 -4.50 29.55
N ALA D 181 -29.37 -5.63 29.80
CA ALA D 181 -30.73 -5.64 30.29
C ALA D 181 -30.79 -5.09 31.72
N ASP D 182 -29.95 -5.60 32.62
CA ASP D 182 -29.81 -5.16 34.04
C ASP D 182 -29.48 -3.68 34.24
N GLU D 183 -29.04 -2.98 33.20
CA GLU D 183 -28.95 -1.52 33.26
C GLU D 183 -29.93 -0.79 32.29
N ASP D 184 -30.90 -1.53 31.70
CA ASP D 184 -32.18 -1.02 31.10
C ASP D 184 -33.39 -1.63 31.90
N GLY D 185 -34.34 -2.42 31.31
CA GLY D 185 -35.36 -3.21 32.10
C GLY D 185 -35.40 -4.73 31.88
N ASP D 192 -38.94 -9.54 23.38
CA ASP D 192 -37.83 -9.76 24.26
C ASP D 192 -36.67 -10.46 23.48
N ASN D 193 -35.45 -10.11 23.91
CA ASN D 193 -34.15 -10.62 23.40
C ASN D 193 -34.04 -12.14 23.49
N ILE D 194 -33.92 -12.72 22.31
CA ILE D 194 -33.41 -14.09 22.03
C ILE D 194 -32.63 -14.78 23.21
N PHE D 195 -31.59 -14.13 23.71
CA PHE D 195 -30.69 -14.72 24.71
C PHE D 195 -31.11 -14.52 26.15
N LEU D 196 -32.04 -13.62 26.36
CA LEU D 196 -32.47 -13.31 27.71
C LEU D 196 -33.58 -14.22 28.20
N GLN D 197 -34.24 -14.99 27.32
CA GLN D 197 -35.34 -15.85 27.72
C GLN D 197 -34.90 -17.00 28.62
N GLU D 198 -35.74 -17.30 29.62
CA GLU D 198 -35.45 -18.36 30.59
C GLU D 198 -35.37 -19.73 29.93
N ILE D 199 -34.45 -20.53 30.42
CA ILE D 199 -34.36 -21.91 30.01
C ILE D 199 -34.88 -22.80 31.13
N LEU D 200 -35.86 -23.64 30.78
CA LEU D 200 -36.38 -24.64 31.69
C LEU D 200 -35.37 -25.75 31.93
N PRO D 201 -35.08 -26.07 33.21
CA PRO D 201 -34.47 -27.37 33.55
C PRO D 201 -35.18 -28.56 32.88
N VAL D 202 -34.41 -29.52 32.36
CA VAL D 202 -34.97 -30.77 31.85
C VAL D 202 -34.95 -31.67 33.08
N ASN D 203 -35.90 -32.60 33.14
CA ASN D 203 -36.03 -33.53 34.28
C ASN D 203 -35.60 -34.98 33.98
N SER D 204 -35.26 -35.30 32.73
CA SER D 204 -34.79 -36.65 32.36
C SER D 204 -34.00 -36.59 31.05
N GLU D 205 -33.33 -37.69 30.69
CA GLU D 205 -32.68 -37.77 29.37
C GLU D 205 -33.68 -37.78 28.22
N GLU D 206 -34.82 -38.43 28.40
CA GLU D 206 -35.86 -38.46 27.37
C GLU D 206 -36.25 -37.03 26.93
N GLU D 207 -36.43 -36.16 27.92
CA GLU D 207 -36.81 -34.75 27.67
C GLU D 207 -35.68 -33.96 26.96
N PHE D 208 -34.43 -34.22 27.32
CA PHE D 208 -33.24 -33.70 26.63
C PHE D 208 -33.15 -34.25 25.19
N GLN D 209 -33.33 -35.55 25.03
CA GLN D 209 -33.27 -36.27 23.73
C GLN D 209 -34.20 -35.62 22.71
N THR D 210 -35.40 -35.32 23.18
CA THR D 210 -36.49 -34.78 22.39
C THR D 210 -36.26 -33.31 21.99
N LEU D 211 -35.86 -32.50 22.97
CA LEU D 211 -35.49 -31.10 22.73
C LEU D 211 -34.24 -30.96 21.86
N SER D 212 -33.23 -31.81 22.06
CA SER D 212 -32.09 -31.90 21.11
C SER D 212 -32.50 -32.09 19.68
N ALA D 213 -33.43 -33.02 19.46
CA ALA D 213 -33.88 -33.37 18.13
C ALA D 213 -34.60 -32.21 17.46
N ALA D 214 -35.41 -31.51 18.23
CA ALA D 214 -36.08 -30.31 17.73
C ALA D 214 -35.05 -29.19 17.44
N TRP D 215 -34.06 -29.04 18.31
CA TRP D 215 -32.91 -28.15 18.04
C TRP D 215 -32.12 -28.58 16.77
N HIS D 216 -31.84 -29.87 16.63
CA HIS D 216 -31.16 -30.40 15.47
C HIS D 216 -31.88 -29.98 14.21
N SER D 217 -33.19 -30.04 14.20
CA SER D 217 -33.95 -29.68 13.01
C SER D 217 -33.77 -28.19 12.66
N ILE D 218 -33.84 -27.34 13.68
CA ILE D 218 -33.70 -25.91 13.50
C ILE D 218 -32.30 -25.51 12.98
N LEU D 219 -31.26 -26.08 13.59
CA LEU D 219 -29.88 -25.74 13.22
C LEU D 219 -29.48 -26.24 11.84
N ASP D 220 -30.00 -27.40 11.48
CA ASP D 220 -29.82 -27.98 10.15
C ASP D 220 -30.44 -27.09 9.06
N GLY D 221 -31.60 -26.53 9.36
CA GLY D 221 -32.21 -25.48 8.54
C GLY D 221 -31.39 -24.23 8.35
N LYS D 222 -30.80 -23.75 9.45
CA LYS D 222 -29.88 -22.61 9.40
C LYS D 222 -28.57 -22.93 8.64
N LEU D 223 -28.03 -24.13 8.84
CA LEU D 223 -26.81 -24.51 8.16
C LEU D 223 -27.00 -24.63 6.67
N SER D 224 -28.17 -25.07 6.25
CA SER D 224 -28.49 -25.13 4.82
C SER D 224 -28.67 -23.76 4.24
N ALA D 225 -29.31 -22.83 4.97
CA ALA D 225 -29.44 -21.45 4.49
C ALA D 225 -28.06 -20.81 4.36
N LEU D 226 -27.19 -21.11 5.33
CA LEU D 226 -25.79 -20.64 5.29
C LEU D 226 -25.04 -21.17 4.07
N ASP D 227 -25.11 -22.49 3.83
CA ASP D 227 -24.49 -23.12 2.64
C ASP D 227 -25.01 -22.53 1.37
N GLU D 228 -26.30 -22.31 1.28
CA GLU D 228 -26.85 -21.67 0.12
C GLU D 228 -26.23 -20.30 -0.13
N GLU D 229 -26.15 -19.47 0.92
CA GLU D 229 -25.61 -18.09 0.74
C GLU D 229 -24.10 -18.08 0.44
N PHE D 230 -23.38 -19.01 1.07
CA PHE D 230 -22.02 -19.25 0.71
C PHE D 230 -21.83 -19.67 -0.74
N ASP D 231 -22.74 -20.43 -1.33
CA ASP D 231 -22.62 -20.80 -2.72
C ASP D 231 -22.94 -19.64 -3.59
N VAL D 232 -23.90 -18.82 -3.19
CA VAL D 232 -24.21 -17.62 -3.97
C VAL D 232 -22.99 -16.70 -4.03
N VAL D 233 -22.32 -16.49 -2.89
CA VAL D 233 -21.12 -15.65 -2.89
C VAL D 233 -19.96 -16.28 -3.65
N ALA D 234 -19.75 -17.59 -3.51
CA ALA D 234 -18.66 -18.26 -4.26
C ALA D 234 -18.84 -18.13 -5.76
N THR D 235 -20.07 -18.31 -6.20
CA THR D 235 -20.48 -18.09 -7.57
C THR D 235 -20.22 -16.67 -8.02
N LYS D 236 -20.59 -15.70 -7.19
CA LYS D 236 -20.31 -14.28 -7.46
C LYS D 236 -18.81 -14.04 -7.71
N TRP D 237 -17.97 -14.50 -6.79
CA TRP D 237 -16.54 -14.25 -6.92
C TRP D 237 -16.02 -14.94 -8.21
N HIS D 238 -16.53 -16.14 -8.50
CA HIS D 238 -16.17 -16.88 -9.69
C HIS D 238 -16.60 -16.21 -11.00
N ASP D 239 -17.82 -15.69 -11.04
CA ASP D 239 -18.28 -14.95 -12.20
C ASP D 239 -17.49 -13.72 -12.48
N LYS D 240 -16.98 -13.08 -11.45
CA LYS D 240 -16.26 -11.79 -11.58
C LYS D 240 -14.79 -11.92 -11.73
N PHE D 241 -14.23 -12.94 -11.05
CA PHE D 241 -12.77 -13.14 -10.98
C PHE D 241 -12.28 -14.33 -11.77
N GLY D 242 -13.13 -15.30 -12.12
CA GLY D 242 -12.73 -16.40 -13.05
C GLY D 242 -12.21 -17.59 -12.26
N LYS D 243 -12.30 -18.76 -12.90
CA LYS D 243 -11.75 -20.04 -12.39
C LYS D 243 -10.70 -19.93 -11.28
N SER G 17 13.09 -23.33 32.37
CA SER G 17 11.92 -23.46 31.46
C SER G 17 10.88 -24.42 32.03
N VAL G 18 11.31 -25.56 32.59
CA VAL G 18 10.39 -26.60 33.12
C VAL G 18 11.02 -27.22 34.39
N PRO G 19 10.26 -27.27 35.52
CA PRO G 19 10.86 -27.61 36.82
C PRO G 19 11.05 -29.13 37.00
N PRO G 20 11.93 -29.55 37.95
CA PRO G 20 12.19 -31.00 38.15
C PRO G 20 10.95 -31.85 38.47
N GLY G 21 10.87 -33.05 37.89
CA GLY G 21 9.76 -33.98 38.11
C GLY G 21 8.50 -33.78 37.26
N VAL G 22 8.60 -32.94 36.22
CA VAL G 22 7.53 -32.78 35.20
C VAL G 22 7.75 -33.76 34.03
N THR G 23 9.01 -33.92 33.61
CA THR G 23 9.37 -34.58 32.33
C THR G 23 10.38 -35.72 32.45
N ARG G 24 10.49 -36.53 31.38
CA ARG G 24 11.59 -37.49 31.21
C ARG G 24 11.87 -37.80 29.72
N ILE H 16 -2.40 8.41 -39.46
CA ILE H 16 -2.22 9.90 -39.57
C ILE H 16 -3.10 10.59 -40.64
N SER H 17 -3.08 11.93 -40.62
CA SER H 17 -3.77 12.81 -41.54
C SER H 17 -2.79 13.95 -41.70
N VAL H 18 -2.27 14.11 -42.91
CA VAL H 18 -1.26 15.11 -43.19
C VAL H 18 -1.87 15.94 -44.30
N PRO H 19 -2.03 17.27 -44.09
CA PRO H 19 -2.86 18.12 -44.97
C PRO H 19 -2.37 18.23 -46.44
N PRO H 20 -3.26 18.70 -47.36
CA PRO H 20 -2.92 18.82 -48.79
C PRO H 20 -1.59 19.51 -49.04
N GLY H 21 -0.53 18.70 -49.15
CA GLY H 21 0.78 19.14 -49.62
C GLY H 21 1.96 19.10 -48.65
N VAL H 22 1.86 18.34 -47.56
CA VAL H 22 2.95 18.28 -46.55
C VAL H 22 3.83 17.06 -46.80
N ILE I 16 23.06 28.71 -2.39
CA ILE I 16 23.36 28.47 -3.81
C ILE I 16 24.71 29.06 -4.19
N SER I 17 25.57 28.22 -4.76
CA SER I 17 26.90 28.66 -5.17
C SER I 17 26.83 29.48 -6.45
N VAL I 18 26.70 30.79 -6.31
CA VAL I 18 26.62 31.68 -7.46
C VAL I 18 27.97 32.35 -7.74
N PRO I 19 28.37 32.35 -9.00
CA PRO I 19 29.65 32.96 -9.40
C PRO I 19 29.91 34.37 -8.85
N PRO I 20 31.20 34.78 -8.73
CA PRO I 20 31.44 36.18 -8.35
C PRO I 20 30.81 37.17 -9.37
N GLY I 21 29.60 37.64 -9.07
CA GLY I 21 28.96 38.75 -9.79
C GLY I 21 27.93 38.44 -10.87
N VAL I 22 27.09 37.41 -10.69
CA VAL I 22 26.01 37.11 -11.67
C VAL I 22 24.93 38.20 -11.68
C1 EDO J . 11.06 17.28 -34.54
O1 EDO J . 12.11 18.08 -35.05
C2 EDO J . 11.02 16.01 -35.36
O2 EDO J . 11.79 15.01 -34.68
C1 EDO K . 2.07 8.52 -26.52
O1 EDO K . 0.87 7.96 -25.96
C2 EDO K . 3.32 7.81 -26.04
O2 EDO K . 3.48 7.57 -24.60
MG MG L . 3.01 2.18 -11.37
C ACT M . 18.31 15.07 -37.16
O ACT M . 19.23 14.53 -36.47
OXT ACT M . 18.12 16.32 -37.12
CH3 ACT M . 17.40 14.22 -38.02
C1 EDO N . 3.62 28.00 -10.11
O1 EDO N . 4.92 28.15 -10.65
C2 EDO N . 2.64 28.63 -11.11
O2 EDO N . 3.30 29.68 -11.82
C1 EDO O . 8.85 36.77 -17.74
O1 EDO O . 9.60 35.85 -18.55
C2 EDO O . 7.37 36.39 -17.72
O2 EDO O . 7.03 35.65 -16.52
C1 EDO P . 8.76 0.68 -21.02
O1 EDO P . 9.89 -0.01 -21.60
C2 EDO P . 8.77 2.11 -21.48
O2 EDO P . 7.99 2.36 -22.69
C1 EDO Q . 14.47 31.09 -16.80
O1 EDO Q . 13.56 30.83 -17.90
C2 EDO Q . 13.87 30.85 -15.39
O2 EDO Q . 12.43 30.72 -15.39
C1 EDO R . 12.99 18.61 -8.32
O1 EDO R . 11.79 18.05 -7.72
C2 EDO R . 14.09 18.75 -7.28
O2 EDO R . 14.44 17.49 -6.70
C1 EDO S . 13.35 21.91 -26.70
O1 EDO S . 12.10 22.63 -26.43
C2 EDO S . 14.32 22.47 -27.76
O2 EDO S . 15.60 22.95 -27.31
MG MG T . 4.54 5.36 -7.49
C1 EDO U . 1.30 -17.67 19.30
O1 EDO U . 2.53 -17.13 19.82
C2 EDO U . 1.40 -17.85 17.80
O2 EDO U . 0.30 -17.32 17.01
MG MG V . -3.90 -6.76 8.59
C ACT W . 2.46 6.81 12.36
O ACT W . 2.48 5.62 12.75
OXT ACT W . 3.45 7.55 12.67
CH3 ACT W . 1.34 7.37 11.50
C1 EDO X . -18.67 -13.03 33.25
O1 EDO X . -19.05 -14.36 32.86
C2 EDO X . -19.82 -12.32 33.94
O2 EDO X . -19.41 -11.66 35.16
MG MG Y . -8.86 -4.80 9.22
C1 EDO Z . -18.78 -8.19 30.63
O1 EDO Z . -19.01 -6.77 30.51
C2 EDO Z . -19.77 -8.98 29.76
O2 EDO Z . -19.93 -8.35 28.46
C ACT AA . -12.72 9.68 30.67
O ACT AA . -13.48 9.01 31.42
OXT ACT AA . -11.47 9.74 30.85
CH3 ACT AA . -13.39 10.40 29.53
C ACT BA . -18.07 7.87 12.87
O ACT BA . -17.10 7.59 13.66
OXT ACT BA . -18.59 9.03 12.85
CH3 ACT BA . -18.64 6.79 11.98
C ACT CA . -1.55 14.89 36.70
O ACT CA . -0.30 14.85 36.84
OXT ACT CA . -2.11 15.79 36.01
CH3 ACT CA . -2.42 13.84 37.41
MG MG DA . 14.16 -5.19 -26.02
MG MG EA . 19.54 3.70 -27.38
C ACT FA . 5.81 -11.48 -19.50
O ACT FA . 5.92 -12.55 -20.25
OXT ACT FA . 6.74 -11.04 -18.71
CH3 ACT FA . 4.55 -10.63 -19.56
#